data_4C73
#
_entry.id   4C73
#
_cell.length_a   74.470
_cell.length_b   89.130
_cell.length_c   183.780
_cell.angle_alpha   90.00
_cell.angle_beta   90.00
_cell.angle_gamma   90.00
#
_symmetry.space_group_name_H-M   'P 21 21 21'
#
loop_
_entity.id
_entity.type
_entity.pdbx_description
1 polymer '3-OXOACYL-[ACYL-CARRIER-PROTEIN] SYNTHASE 1'
2 non-polymer 1,2-ETHANEDIOL
3 non-polymer 'POTASSIUM ION'
4 non-polymer (5R)-5-methyl-5-[(1E)-2-methylbuta-1,3-dienyl]-4-oxidanyl-3-[2,2,2-tris(fluoranyl)ethanoyl]thiophen-2-one
5 non-polymer '(2R)-2-(hexadecanoyloxy)-3-{[(10R)-10-methyloctadecanoyl]oxy}propyl phosphate'
6 water water
#
_entity_poly.entity_id   1
_entity_poly.type   'polypeptide(L)'
_entity_poly.pdbx_seq_one_letter_code
;MGSSHHHHHHSSGLVPRGSHMASMSQPSTANGGFPSVVVTAVTATTSISPDIESTWKGLLAGESGIHALEDEFVTKWDLA
VKIGGHLKDPVDSHMGRLDMRRMSYVQRMGKLLGGQLWESAGSPEVDPDRFAVVVGTGLGGAERIVESYDLMNAGGPRKV
SPLAVQMIMPNGAAAVIGLQLGARAGVMTPVSAQSSGSEAIAHAWRQIVMGDADVAVCGGVEGPIEALPIAAFSMMRAMS
TRNDEPERASRPFDKDRDGFVFGEAGALMLIETEEHAKARGAKPLARLLGAGITSDAFHMVAPAADGVRAGRAMTRSLEL
AGLSPADIDHVNAHGTATPIGDAAEANAIRVAGCDQAAVYAPKSALGHSIGAVGALESVLTVLTLRDGVIPPTLNYETPD
PEIDLDVVAGEPRYGDYRYAVNNSFGFGGHNVALAFGRY
;
_entity_poly.pdbx_strand_id   A,B
#
# COMPACT_ATOMS: atom_id res chain seq x y z
N GLN A 26 29.54 2.82 0.27
CA GLN A 26 28.16 3.38 0.52
C GLN A 26 27.43 3.88 -0.75
N PRO A 27 26.52 3.08 -1.33
CA PRO A 27 26.00 3.54 -2.63
C PRO A 27 25.14 4.82 -2.55
N SER A 28 25.46 5.80 -3.41
CA SER A 28 24.60 6.94 -3.69
C SER A 28 24.43 7.13 -5.20
N THR A 29 23.53 8.01 -5.64
CA THR A 29 23.40 8.32 -7.05
C THR A 29 24.67 9.03 -7.56
N ALA A 30 25.13 10.04 -6.80
CA ALA A 30 26.30 10.85 -7.19
C ALA A 30 27.55 9.99 -7.39
N ASN A 31 27.72 8.96 -6.57
CA ASN A 31 28.89 8.10 -6.66
C ASN A 31 28.76 6.83 -7.54
N GLY A 32 27.66 6.73 -8.28
CA GLY A 32 27.45 5.69 -9.28
C GLY A 32 27.02 4.39 -8.64
N GLY A 33 26.76 4.39 -7.33
CA GLY A 33 26.35 3.16 -6.67
C GLY A 33 24.92 2.79 -7.01
N PHE A 34 24.12 3.78 -7.39
CA PHE A 34 22.79 3.54 -7.94
C PHE A 34 22.75 3.98 -9.38
N PRO A 35 21.98 3.29 -10.25
CA PRO A 35 21.90 3.80 -11.62
C PRO A 35 21.21 5.17 -11.63
N SER A 36 21.54 5.98 -12.63
CA SER A 36 20.88 7.25 -12.85
C SER A 36 19.46 7.02 -13.36
N VAL A 37 18.52 7.71 -12.74
CA VAL A 37 17.08 7.59 -13.01
C VAL A 37 16.54 8.95 -13.43
N VAL A 38 15.85 9.02 -14.55
CA VAL A 38 15.33 10.29 -15.06
C VAL A 38 13.81 10.25 -15.15
N VAL A 39 13.23 11.44 -15.07
CA VAL A 39 11.79 11.63 -15.31
C VAL A 39 11.65 11.99 -16.79
N THR A 40 10.80 11.27 -17.52
CA THR A 40 10.81 11.46 -18.97
C THR A 40 9.44 11.89 -19.45
N ALA A 41 8.45 11.86 -18.56
CA ALA A 41 7.10 12.35 -18.96
C ALA A 41 6.27 12.60 -17.70
N VAL A 42 5.33 13.55 -17.77
CA VAL A 42 4.48 13.84 -16.61
C VAL A 42 3.06 14.09 -17.12
N THR A 43 2.04 13.81 -16.31
CA THR A 43 0.67 14.14 -16.66
C THR A 43 -0.09 14.44 -15.36
N ALA A 44 -1.03 15.38 -15.40
CA ALA A 44 -1.82 15.65 -14.19
C ALA A 44 -3.14 16.30 -14.58
N THR A 45 -4.17 16.02 -13.78
CA THR A 45 -5.40 16.77 -13.90
C THR A 45 -5.62 17.55 -12.59
N THR A 46 -6.03 18.81 -12.68
CA THR A 46 -6.16 19.66 -11.49
C THR A 46 -7.41 20.52 -11.57
N SER A 47 -7.67 21.28 -10.50
CA SER A 47 -8.72 22.29 -10.47
C SER A 47 -8.44 23.47 -11.42
N ILE A 48 -7.19 23.66 -11.84
CA ILE A 48 -6.88 24.68 -12.86
C ILE A 48 -7.07 24.22 -14.32
N SER A 49 -6.66 23.01 -14.66
CA SER A 49 -6.68 22.58 -16.06
C SER A 49 -6.52 21.06 -16.07
N PRO A 50 -6.98 20.40 -17.14
CA PRO A 50 -6.59 18.99 -17.35
C PRO A 50 -5.20 18.85 -17.94
N ASP A 51 -4.61 19.96 -18.39
CA ASP A 51 -3.33 19.96 -19.13
CA ASP A 51 -3.33 19.95 -19.12
C ASP A 51 -2.27 20.46 -18.15
N ILE A 52 -1.31 19.60 -17.78
CA ILE A 52 -0.30 20.03 -16.78
C ILE A 52 0.48 21.31 -17.19
N GLU A 53 0.85 21.46 -18.46
CA GLU A 53 1.55 22.69 -18.90
C GLU A 53 0.65 23.91 -18.68
N SER A 54 -0.65 23.76 -18.86
CA SER A 54 -1.58 24.89 -18.60
C SER A 54 -1.76 25.15 -17.10
N THR A 55 -1.88 24.09 -16.31
CA THR A 55 -1.84 24.25 -14.84
C THR A 55 -0.61 25.04 -14.44
N TRP A 56 0.54 24.66 -15.01
CA TRP A 56 1.81 25.27 -14.62
C TRP A 56 1.85 26.76 -15.02
N LYS A 57 1.36 27.09 -16.22
CA LYS A 57 1.27 28.51 -16.62
C LYS A 57 0.31 29.31 -15.74
N GLY A 58 -0.80 28.68 -15.35
CA GLY A 58 -1.76 29.30 -14.45
C GLY A 58 -1.13 29.61 -13.11
N LEU A 59 -0.46 28.59 -12.55
CA LEU A 59 0.16 28.80 -11.25
C LEU A 59 1.13 29.99 -11.31
N LEU A 60 2.03 30.00 -12.30
CA LEU A 60 3.00 31.08 -12.44
C LEU A 60 2.31 32.45 -12.58
N ALA A 61 1.12 32.46 -13.17
CA ALA A 61 0.34 33.70 -13.25
C ALA A 61 -0.44 34.02 -11.97
N GLY A 62 -0.33 33.20 -10.91
CA GLY A 62 -1.06 33.49 -9.66
C GLY A 62 -2.50 33.02 -9.64
N GLU A 63 -2.87 32.09 -10.55
CA GLU A 63 -4.25 31.57 -10.55
C GLU A 63 -4.47 30.59 -9.41
N SER A 64 -5.70 30.58 -8.90
CA SER A 64 -6.14 29.61 -7.89
C SER A 64 -7.18 28.70 -8.54
N GLY A 65 -7.18 27.41 -8.19
CA GLY A 65 -8.29 26.52 -8.59
C GLY A 65 -9.44 26.39 -7.59
N ILE A 66 -9.44 27.22 -6.53
CA ILE A 66 -10.40 27.03 -5.43
C ILE A 66 -11.55 28.00 -5.63
N HIS A 67 -12.80 27.53 -5.51
CA HIS A 67 -14.01 28.33 -5.72
C HIS A 67 -15.07 27.93 -4.67
N ALA A 68 -16.15 28.72 -4.64
CA ALA A 68 -17.39 28.31 -3.97
C ALA A 68 -17.81 26.94 -4.56
N LEU A 69 -18.17 26.01 -3.70
CA LEU A 69 -18.75 24.74 -4.17
C LEU A 69 -20.20 24.92 -4.59
N GLU A 70 -20.58 24.49 -5.79
CA GLU A 70 -21.95 24.70 -6.22
CA GLU A 70 -21.94 24.70 -6.26
C GLU A 70 -22.74 23.41 -6.10
N ASP A 71 -22.09 22.36 -5.60
CA ASP A 71 -22.79 21.08 -5.45
C ASP A 71 -24.05 21.16 -4.59
N GLU A 72 -25.07 20.42 -5.02
CA GLU A 72 -26.28 20.41 -4.21
CA GLU A 72 -26.31 20.22 -4.26
C GLU A 72 -26.06 19.75 -2.83
N PHE A 73 -25.06 18.86 -2.69
CA PHE A 73 -24.82 18.23 -1.39
C PHE A 73 -24.46 19.30 -0.34
N VAL A 74 -23.88 20.42 -0.76
CA VAL A 74 -23.48 21.44 0.21
C VAL A 74 -24.72 22.02 0.86
N THR A 75 -25.77 22.30 0.08
CA THR A 75 -26.95 22.90 0.66
C THR A 75 -27.81 21.80 1.31
N LYS A 76 -27.78 20.59 0.77
CA LYS A 76 -28.60 19.53 1.35
C LYS A 76 -28.20 19.35 2.81
N TRP A 77 -26.90 19.34 3.09
CA TRP A 77 -26.39 19.03 4.43
C TRP A 77 -25.99 20.26 5.22
N ASP A 78 -26.16 21.43 4.61
CA ASP A 78 -25.64 22.70 5.12
C ASP A 78 -24.25 22.58 5.70
N LEU A 79 -23.28 22.17 4.86
CA LEU A 79 -21.93 21.91 5.36
C LEU A 79 -21.26 23.20 5.81
N ALA A 80 -20.48 23.11 6.89
CA ALA A 80 -19.69 24.24 7.36
C ALA A 80 -18.64 24.65 6.30
N VAL A 81 -18.15 23.67 5.54
CA VAL A 81 -17.19 23.97 4.48
C VAL A 81 -17.91 24.07 3.14
N LYS A 82 -17.73 25.20 2.46
CA LYS A 82 -18.51 25.46 1.25
C LYS A 82 -17.59 25.87 0.08
N ILE A 83 -16.34 25.45 0.16
CA ILE A 83 -15.26 25.82 -0.79
C ILE A 83 -14.44 24.59 -1.19
N GLY A 84 -13.78 24.66 -2.35
CA GLY A 84 -12.92 23.56 -2.78
C GLY A 84 -12.66 23.75 -4.27
N GLY A 85 -11.75 22.96 -4.83
CA GLY A 85 -11.51 23.01 -6.29
C GLY A 85 -11.86 21.65 -6.90
N HIS A 86 -12.98 21.58 -7.62
CA HIS A 86 -13.29 20.41 -8.45
C HIS A 86 -12.33 20.46 -9.64
N LEU A 87 -12.01 19.31 -10.23
CA LEU A 87 -11.26 19.32 -11.47
C LEU A 87 -11.89 20.26 -12.50
N LYS A 88 -11.02 20.99 -13.19
CA LYS A 88 -11.46 21.81 -14.31
CA LYS A 88 -11.46 21.80 -14.31
C LYS A 88 -12.21 20.99 -15.36
N ASP A 89 -11.70 19.81 -15.68
CA ASP A 89 -12.25 18.96 -16.73
C ASP A 89 -12.55 17.61 -16.08
N PRO A 90 -13.82 17.33 -15.77
CA PRO A 90 -14.18 16.13 -14.99
C PRO A 90 -13.73 14.82 -15.65
N VAL A 91 -13.18 13.90 -14.87
CA VAL A 91 -12.74 12.59 -15.38
C VAL A 91 -13.83 11.90 -16.24
N ASP A 92 -15.05 11.88 -15.73
CA ASP A 92 -16.09 11.08 -16.40
C ASP A 92 -16.56 11.64 -17.74
N SER A 93 -16.07 12.81 -18.17
CA SER A 93 -16.49 13.27 -19.50
CA SER A 93 -16.47 13.29 -19.50
C SER A 93 -15.62 12.55 -20.52
N HIS A 94 -14.62 11.82 -20.05
CA HIS A 94 -13.78 11.03 -20.93
C HIS A 94 -14.03 9.53 -20.85
N MET A 95 -15.07 9.09 -20.14
CA MET A 95 -15.24 7.66 -19.86
C MET A 95 -16.44 7.18 -20.67
N GLY A 96 -16.33 6.00 -21.25
CA GLY A 96 -17.48 5.43 -22.02
C GLY A 96 -18.42 4.67 -21.09
N ARG A 97 -19.48 4.14 -21.70
CA ARG A 97 -20.57 3.54 -20.95
C ARG A 97 -20.06 2.37 -20.10
N LEU A 98 -19.19 1.52 -20.65
CA LEU A 98 -18.75 0.36 -19.88
C LEU A 98 -17.76 0.72 -18.77
N ASP A 99 -16.92 1.71 -19.01
CA ASP A 99 -15.98 2.19 -17.99
C ASP A 99 -16.78 2.66 -16.76
N MET A 100 -17.88 3.37 -16.97
CA MET A 100 -18.65 3.90 -15.85
C MET A 100 -19.24 2.76 -14.99
N ARG A 101 -19.47 1.60 -15.60
CA ARG A 101 -20.14 0.54 -14.87
CA ARG A 101 -20.16 0.49 -14.97
C ARG A 101 -19.17 -0.56 -14.46
N ARG A 102 -17.89 -0.42 -14.80
CA ARG A 102 -16.96 -1.50 -14.47
C ARG A 102 -15.77 -1.05 -13.65
N MET A 103 -15.64 0.24 -13.38
CA MET A 103 -14.48 0.72 -12.62
C MET A 103 -15.02 1.64 -11.54
N SER A 104 -14.32 1.76 -10.44
CA SER A 104 -14.55 2.85 -9.49
C SER A 104 -13.87 4.14 -10.02
N TYR A 105 -14.19 5.25 -9.35
CA TYR A 105 -13.77 6.55 -9.86
C TYR A 105 -12.25 6.64 -9.93
N VAL A 106 -11.55 6.19 -8.88
CA VAL A 106 -10.08 6.24 -8.93
C VAL A 106 -9.49 5.35 -10.03
N GLN A 107 -10.22 4.27 -10.38
CA GLN A 107 -9.82 3.47 -11.54
C GLN A 107 -10.02 4.21 -12.85
N ARG A 108 -11.13 4.95 -12.99
CA ARG A 108 -11.34 5.69 -14.20
C ARG A 108 -10.29 6.80 -14.30
N MET A 109 -9.98 7.46 -13.18
CA MET A 109 -8.94 8.49 -13.22
C MET A 109 -7.58 7.87 -13.60
N GLY A 110 -7.25 6.73 -12.98
CA GLY A 110 -6.06 6.00 -13.39
C GLY A 110 -5.95 5.66 -14.86
N LYS A 111 -7.00 5.08 -15.42
CA LYS A 111 -7.00 4.79 -16.84
C LYS A 111 -6.78 6.08 -17.65
N LEU A 112 -7.52 7.15 -17.30
CA LEU A 112 -7.39 8.39 -18.08
C LEU A 112 -5.94 8.91 -18.07
N LEU A 113 -5.37 9.01 -16.87
CA LEU A 113 -4.02 9.55 -16.76
C LEU A 113 -2.97 8.60 -17.38
N GLY A 114 -3.15 7.29 -17.20
CA GLY A 114 -2.21 6.29 -17.71
C GLY A 114 -2.09 6.41 -19.22
N GLY A 115 -3.22 6.59 -19.90
CA GLY A 115 -3.15 6.73 -21.37
C GLY A 115 -2.52 8.06 -21.82
N GLN A 116 -2.84 9.16 -21.13
CA GLN A 116 -2.25 10.45 -21.41
C GLN A 116 -0.74 10.46 -21.25
N LEU A 117 -0.29 9.88 -20.14
CA LEU A 117 1.14 9.76 -19.87
C LEU A 117 1.86 8.99 -20.96
N TRP A 118 1.33 7.82 -21.31
CA TRP A 118 1.98 7.01 -22.34
C TRP A 118 2.07 7.76 -23.66
N GLU A 119 1.00 8.43 -24.04
CA GLU A 119 1.02 9.20 -25.26
C GLU A 119 2.05 10.32 -25.19
N SER A 120 2.02 11.07 -24.09
CA SER A 120 3.05 12.09 -23.87
C SER A 120 4.46 11.55 -23.98
N ALA A 121 4.70 10.31 -23.55
CA ALA A 121 6.03 9.68 -23.61
C ALA A 121 6.42 9.25 -25.02
N GLY A 122 5.52 9.43 -25.97
CA GLY A 122 5.75 8.92 -27.33
C GLY A 122 5.26 7.49 -27.59
N SER A 123 4.41 6.97 -26.71
CA SER A 123 3.92 5.60 -26.79
C SER A 123 5.03 4.54 -26.96
N PRO A 124 6.05 4.54 -26.07
CA PRO A 124 7.19 3.66 -26.27
C PRO A 124 6.86 2.17 -26.20
N GLU A 125 7.55 1.35 -26.97
CA GLU A 125 7.39 -0.10 -26.85
C GLU A 125 8.50 -0.49 -25.88
N VAL A 126 8.15 -0.85 -24.65
CA VAL A 126 9.17 -1.18 -23.64
C VAL A 126 9.11 -2.68 -23.37
N ASP A 127 10.09 -3.25 -22.67
CA ASP A 127 10.04 -4.67 -22.32
C ASP A 127 9.06 -4.79 -21.12
N PRO A 128 7.91 -5.47 -21.30
CA PRO A 128 6.91 -5.51 -20.19
C PRO A 128 7.54 -6.08 -18.91
N ASP A 129 8.48 -7.00 -19.09
CA ASP A 129 9.10 -7.68 -17.94
C ASP A 129 10.08 -6.79 -17.15
N ARG A 130 10.31 -5.58 -17.64
CA ARG A 130 11.20 -4.63 -16.94
C ARG A 130 10.40 -3.35 -16.62
N PHE A 131 9.08 -3.43 -16.73
CA PHE A 131 8.20 -2.27 -16.62
C PHE A 131 7.30 -2.46 -15.36
N ALA A 132 7.42 -1.56 -14.37
CA ALA A 132 6.61 -1.56 -13.14
C ALA A 132 5.60 -0.42 -13.08
N VAL A 133 4.57 -0.58 -12.24
CA VAL A 133 3.65 0.53 -11.94
C VAL A 133 3.59 0.66 -10.41
N VAL A 134 3.73 1.88 -9.90
CA VAL A 134 3.49 2.09 -8.46
C VAL A 134 2.59 3.30 -8.29
N VAL A 135 1.34 3.08 -7.85
CA VAL A 135 0.37 4.17 -7.78
C VAL A 135 -0.30 4.08 -6.40
N GLY A 136 -0.22 5.19 -5.67
CA GLY A 136 -0.83 5.35 -4.36
C GLY A 136 -2.20 5.98 -4.48
N THR A 137 -3.00 5.76 -3.44
CA THR A 137 -4.26 6.43 -3.28
C THR A 137 -4.61 6.41 -1.79
N GLY A 138 -5.49 7.31 -1.36
CA GLY A 138 -5.81 7.37 0.08
C GLY A 138 -6.69 6.22 0.55
N LEU A 139 -7.65 5.81 -0.27
CA LEU A 139 -8.73 4.93 0.19
C LEU A 139 -9.11 3.84 -0.84
N GLY A 140 -9.27 4.20 -2.11
CA GLY A 140 -9.72 3.26 -3.15
C GLY A 140 -11.14 3.53 -3.63
N GLY A 141 -11.79 2.50 -4.14
CA GLY A 141 -13.12 2.65 -4.74
C GLY A 141 -14.24 2.64 -3.71
N ALA A 142 -14.14 3.51 -2.70
CA ALA A 142 -15.08 3.47 -1.57
C ALA A 142 -16.55 3.75 -1.94
N GLU A 143 -16.82 4.47 -3.04
CA GLU A 143 -18.23 4.67 -3.39
C GLU A 143 -18.89 3.33 -3.74
N ARG A 144 -18.11 2.40 -4.28
CA ARG A 144 -18.65 1.08 -4.60
C ARG A 144 -18.93 0.27 -3.34
N ILE A 145 -18.18 0.50 -2.25
CA ILE A 145 -18.57 -0.08 -0.97
C ILE A 145 -19.96 0.36 -0.54
N VAL A 146 -20.22 1.67 -0.53
CA VAL A 146 -21.51 2.14 -0.09
C VAL A 146 -22.58 1.70 -1.08
N GLU A 147 -22.30 1.72 -2.38
CA GLU A 147 -23.27 1.21 -3.37
CA GLU A 147 -23.29 1.22 -3.34
C GLU A 147 -23.60 -0.26 -3.11
N SER A 148 -22.58 -1.09 -2.89
CA SER A 148 -22.86 -2.52 -2.70
C SER A 148 -23.67 -2.78 -1.41
N TYR A 149 -23.37 -2.01 -0.39
CA TYR A 149 -24.08 -2.06 0.89
C TYR A 149 -25.56 -1.72 0.71
N ASP A 150 -25.84 -0.59 0.07
CA ASP A 150 -27.25 -0.21 -0.21
C ASP A 150 -27.94 -1.27 -1.07
N LEU A 151 -27.26 -1.74 -2.11
CA LEU A 151 -27.89 -2.69 -3.05
C LEU A 151 -28.28 -3.94 -2.27
N MET A 152 -27.37 -4.44 -1.44
CA MET A 152 -27.64 -5.68 -0.71
C MET A 152 -28.75 -5.47 0.33
N ASN A 153 -28.72 -4.33 1.03
CA ASN A 153 -29.76 -4.05 2.03
C ASN A 153 -31.13 -3.95 1.39
N ALA A 154 -31.17 -3.41 0.18
CA ALA A 154 -32.47 -3.30 -0.51
C ALA A 154 -32.91 -4.60 -1.21
N GLY A 155 -32.01 -5.47 -1.65
CA GLY A 155 -32.46 -6.53 -2.57
C GLY A 155 -31.67 -7.82 -2.40
N GLY A 156 -30.78 -7.88 -1.41
CA GLY A 156 -30.13 -9.13 -1.08
C GLY A 156 -28.79 -9.36 -1.76
N PRO A 157 -28.13 -10.48 -1.44
CA PRO A 157 -26.73 -10.68 -1.84
C PRO A 157 -26.59 -10.73 -3.36
N ARG A 158 -27.61 -11.19 -4.09
CA ARG A 158 -27.46 -11.30 -5.52
C ARG A 158 -27.52 -9.96 -6.24
N LYS A 159 -27.71 -8.85 -5.50
CA LYS A 159 -27.68 -7.52 -6.13
C LYS A 159 -26.31 -6.90 -6.15
N VAL A 160 -25.37 -7.56 -5.48
CA VAL A 160 -23.98 -7.09 -5.49
C VAL A 160 -23.29 -7.47 -6.82
N SER A 161 -22.58 -6.52 -7.44
CA SER A 161 -21.94 -6.78 -8.73
C SER A 161 -20.82 -7.79 -8.57
N PRO A 162 -20.64 -8.70 -9.54
CA PRO A 162 -19.45 -9.57 -9.57
C PRO A 162 -18.17 -8.75 -9.74
N LEU A 163 -18.30 -7.48 -10.07
CA LEU A 163 -17.11 -6.62 -10.22
C LEU A 163 -16.81 -5.84 -8.95
N ALA A 164 -17.66 -5.94 -7.93
CA ALA A 164 -17.49 -5.05 -6.78
C ALA A 164 -16.10 -5.18 -6.14
N VAL A 165 -15.66 -6.42 -5.92
CA VAL A 165 -14.36 -6.63 -5.27
C VAL A 165 -13.25 -5.88 -6.03
N GLN A 166 -13.17 -6.07 -7.33
CA GLN A 166 -12.04 -5.50 -8.04
C GLN A 166 -12.14 -3.99 -8.23
N MET A 167 -13.36 -3.45 -8.16
CA MET A 167 -13.50 -1.99 -8.16
C MET A 167 -13.11 -1.36 -6.83
N ILE A 168 -13.38 -2.08 -5.73
CA ILE A 168 -13.28 -1.54 -4.38
C ILE A 168 -11.83 -1.62 -3.86
N MET A 169 -11.14 -2.71 -4.20
CA MET A 169 -9.84 -2.99 -3.57
C MET A 169 -8.88 -1.80 -3.84
N PRO A 170 -8.12 -1.35 -2.84
CA PRO A 170 -7.38 -0.09 -3.07
C PRO A 170 -6.22 -0.17 -4.08
N ASN A 171 -5.74 -1.38 -4.36
CA ASN A 171 -4.77 -1.64 -5.46
C ASN A 171 -5.44 -1.60 -6.83
N GLY A 172 -6.72 -1.28 -6.84
CA GLY A 172 -7.49 -1.32 -8.10
C GLY A 172 -6.97 -0.37 -9.21
N ALA A 173 -6.71 0.87 -8.83
CA ALA A 173 -6.21 1.86 -9.81
C ALA A 173 -4.83 1.52 -10.34
N ALA A 174 -3.89 1.13 -9.45
CA ALA A 174 -2.60 0.70 -9.98
C ALA A 174 -2.77 -0.51 -10.92
N ALA A 175 -3.68 -1.41 -10.59
CA ALA A 175 -3.84 -2.63 -11.38
C ALA A 175 -4.47 -2.32 -12.75
N VAL A 176 -5.39 -1.37 -12.80
CA VAL A 176 -5.96 -0.96 -14.07
C VAL A 176 -4.84 -0.35 -14.94
N ILE A 177 -3.98 0.45 -14.33
CA ILE A 177 -2.90 1.06 -15.11
C ILE A 177 -1.94 -0.03 -15.62
N GLY A 178 -1.56 -0.96 -14.72
CA GLY A 178 -0.68 -2.08 -15.08
C GLY A 178 -1.22 -2.90 -16.26
N LEU A 179 -2.54 -3.17 -16.25
CA LEU A 179 -3.21 -3.93 -17.32
CA LEU A 179 -3.16 -3.94 -17.34
C LEU A 179 -3.23 -3.10 -18.60
N GLN A 180 -3.61 -1.84 -18.47
CA GLN A 180 -3.65 -0.92 -19.60
C GLN A 180 -2.30 -0.80 -20.33
N LEU A 181 -1.21 -0.65 -19.59
CA LEU A 181 0.07 -0.31 -20.20
C LEU A 181 0.97 -1.55 -20.35
N GLY A 182 0.59 -2.66 -19.70
CA GLY A 182 1.28 -3.94 -19.94
C GLY A 182 2.47 -4.14 -18.98
N ALA A 183 2.35 -3.72 -17.71
CA ALA A 183 3.53 -3.77 -16.79
C ALA A 183 3.59 -5.12 -16.11
N ARG A 184 4.74 -5.81 -16.22
CA ARG A 184 4.92 -7.16 -15.66
C ARG A 184 6.10 -7.26 -14.71
N ALA A 185 6.67 -6.13 -14.33
CA ALA A 185 7.72 -6.15 -13.29
C ALA A 185 7.17 -5.67 -11.94
N GLY A 186 5.86 -5.79 -11.72
CA GLY A 186 5.26 -5.50 -10.41
C GLY A 186 4.32 -4.30 -10.52
N VAL A 187 3.22 -4.38 -9.77
CA VAL A 187 2.26 -3.32 -9.68
C VAL A 187 1.99 -3.12 -8.20
N MET A 188 2.38 -1.96 -7.67
CA MET A 188 2.33 -1.81 -6.22
CA MET A 188 2.40 -1.77 -6.22
C MET A 188 1.51 -0.61 -5.82
N THR A 189 0.88 -0.68 -4.64
CA THR A 189 0.05 0.39 -4.13
C THR A 189 0.48 0.62 -2.68
N PRO A 190 1.36 1.60 -2.41
CA PRO A 190 1.64 1.97 -1.03
C PRO A 190 0.52 2.87 -0.54
N VAL A 191 -0.02 2.65 0.64
CA VAL A 191 -0.99 3.63 1.14
CA VAL A 191 -1.02 3.58 1.19
C VAL A 191 -0.43 4.22 2.45
N SER A 192 -0.37 5.54 2.50
CA SER A 192 0.11 6.27 3.68
C SER A 192 -0.66 7.61 3.65
N ALA A 193 -1.96 7.51 3.38
CA ALA A 193 -2.86 8.65 3.54
C ALA A 193 -2.24 9.80 2.69
N GLN A 194 -1.99 11.00 3.26
CA GLN A 194 -1.69 12.16 2.42
C GLN A 194 -0.27 12.10 1.81
N SER A 195 0.56 11.14 2.24
CA SER A 195 1.84 10.97 1.55
C SER A 195 1.86 9.87 0.48
N SER A 196 0.71 9.28 0.13
CA SER A 196 0.75 8.08 -0.71
C SER A 196 1.33 8.37 -2.09
N GLY A 197 1.00 9.54 -2.65
CA GLY A 197 1.40 9.87 -4.03
C GLY A 197 2.90 10.02 -4.17
N SER A 198 3.55 10.58 -3.15
CA SER A 198 5.03 10.70 -3.12
C SER A 198 5.64 9.34 -2.76
N GLU A 199 5.00 8.64 -1.82
CA GLU A 199 5.57 7.35 -1.42
C GLU A 199 5.64 6.43 -2.67
N ALA A 200 4.64 6.52 -3.54
CA ALA A 200 4.62 5.63 -4.69
C ALA A 200 5.85 5.90 -5.58
N ILE A 201 6.18 7.17 -5.78
CA ILE A 201 7.30 7.53 -6.63
C ILE A 201 8.59 7.11 -5.90
N ALA A 202 8.63 7.14 -4.57
CA ALA A 202 9.81 6.60 -3.84
C ALA A 202 10.00 5.10 -4.11
N HIS A 203 8.96 4.31 -3.94
CA HIS A 203 9.06 2.85 -4.17
C HIS A 203 9.37 2.54 -5.64
N ALA A 204 8.83 3.33 -6.58
CA ALA A 204 9.22 3.12 -7.99
C ALA A 204 10.74 3.29 -8.21
N TRP A 205 11.29 4.34 -7.63
CA TRP A 205 12.73 4.61 -7.68
C TRP A 205 13.49 3.46 -7.02
N ARG A 206 13.00 2.96 -5.89
CA ARG A 206 13.72 1.82 -5.26
C ARG A 206 13.69 0.59 -6.17
N GLN A 207 12.57 0.34 -6.83
CA GLN A 207 12.38 -0.84 -7.68
CA GLN A 207 12.49 -0.86 -7.62
C GLN A 207 13.39 -0.75 -8.83
N ILE A 208 13.61 0.46 -9.32
CA ILE A 208 14.58 0.60 -10.41
C ILE A 208 16.00 0.42 -9.91
N VAL A 209 16.38 1.15 -8.86
CA VAL A 209 17.78 1.10 -8.43
C VAL A 209 18.13 -0.29 -7.89
N MET A 210 17.16 -1.06 -7.39
CA MET A 210 17.36 -2.43 -6.88
CA MET A 210 17.51 -2.40 -6.90
C MET A 210 17.46 -3.43 -8.06
N GLY A 211 17.14 -2.94 -9.26
CA GLY A 211 17.32 -3.76 -10.47
C GLY A 211 16.11 -4.62 -10.84
N ASP A 212 14.96 -4.32 -10.25
CA ASP A 212 13.71 -5.03 -10.56
C ASP A 212 12.92 -4.49 -11.76
N ALA A 213 13.28 -3.27 -12.18
CA ALA A 213 12.64 -2.68 -13.34
C ALA A 213 13.59 -1.66 -13.97
N ASP A 214 13.36 -1.29 -15.22
CA ASP A 214 14.15 -0.23 -15.87
C ASP A 214 13.29 1.00 -16.14
N VAL A 215 11.98 0.83 -16.03
CA VAL A 215 11.01 1.88 -16.38
C VAL A 215 9.78 1.70 -15.44
N ALA A 216 9.18 2.79 -14.97
CA ALA A 216 8.05 2.72 -14.03
C ALA A 216 7.15 3.90 -14.24
N VAL A 217 5.84 3.60 -14.26
CA VAL A 217 4.82 4.65 -14.18
C VAL A 217 4.51 4.78 -12.70
N CYS A 218 4.51 6.00 -12.19
CA CYS A 218 4.20 6.11 -10.75
C CYS A 218 3.51 7.42 -10.41
N GLY A 219 2.80 7.44 -9.28
CA GLY A 219 2.19 8.68 -8.82
C GLY A 219 0.99 8.34 -7.92
N GLY A 220 -0.10 9.07 -8.12
CA GLY A 220 -1.26 8.98 -7.22
C GLY A 220 -2.58 9.45 -7.84
N VAL A 221 -3.68 8.88 -7.35
CA VAL A 221 -5.01 9.24 -7.79
C VAL A 221 -5.85 9.34 -6.53
N GLU A 222 -6.94 10.07 -6.62
CA GLU A 222 -7.75 10.27 -5.44
C GLU A 222 -9.16 10.57 -5.93
N GLY A 223 -10.14 10.30 -5.08
CA GLY A 223 -11.55 10.63 -5.40
C GLY A 223 -11.86 12.12 -5.42
N PRO A 224 -13.10 12.47 -5.85
CA PRO A 224 -13.47 13.87 -5.90
C PRO A 224 -14.03 14.37 -4.58
N ILE A 225 -14.30 15.66 -4.50
CA ILE A 225 -14.84 16.22 -3.25
C ILE A 225 -16.29 15.73 -3.15
N GLU A 226 -16.67 15.22 -1.98
CA GLU A 226 -18.02 14.76 -1.75
C GLU A 226 -18.40 15.09 -0.30
N ALA A 227 -19.68 14.95 0.00
CA ALA A 227 -20.19 15.40 1.32
C ALA A 227 -19.61 14.62 2.48
N LEU A 228 -19.52 13.30 2.34
CA LEU A 228 -19.00 12.50 3.42
C LEU A 228 -17.50 12.74 3.78
N PRO A 229 -16.59 12.87 2.79
CA PRO A 229 -15.21 13.23 3.12
C PRO A 229 -15.17 14.61 3.79
N ILE A 230 -15.92 15.58 3.29
CA ILE A 230 -15.93 16.90 3.95
C ILE A 230 -16.40 16.77 5.40
N ALA A 231 -17.45 16.01 5.64
CA ALA A 231 -17.97 15.83 7.01
C ALA A 231 -16.91 15.23 7.93
N ALA A 232 -16.22 14.20 7.43
CA ALA A 232 -15.26 13.49 8.25
C ALA A 232 -14.04 14.35 8.57
N PHE A 233 -13.44 15.03 7.60
CA PHE A 233 -12.29 15.89 7.95
C PHE A 233 -12.70 17.12 8.74
N SER A 234 -13.92 17.60 8.51
CA SER A 234 -14.43 18.74 9.30
C SER A 234 -14.59 18.43 10.77
N MET A 235 -14.95 17.19 11.09
CA MET A 235 -15.10 16.79 12.51
C MET A 235 -13.72 16.66 13.18
N MET A 236 -12.65 16.76 12.39
CA MET A 236 -11.30 16.83 12.96
C MET A 236 -10.90 18.27 13.20
N ARG A 237 -11.77 19.20 12.78
CA ARG A 237 -11.47 20.64 12.85
C ARG A 237 -10.18 20.98 12.09
N ALA A 238 -10.08 20.43 10.88
CA ALA A 238 -8.83 20.57 10.08
C ALA A 238 -9.00 21.51 8.90
N MET A 239 -10.25 21.85 8.58
CA MET A 239 -10.54 22.49 7.28
C MET A 239 -10.82 23.96 7.43
N SER A 240 -10.34 24.72 6.43
CA SER A 240 -10.67 26.15 6.36
C SER A 240 -12.18 26.34 6.13
N THR A 241 -12.77 27.33 6.79
CA THR A 241 -14.16 27.69 6.54
C THR A 241 -14.23 29.16 6.12
N ARG A 242 -13.24 29.59 5.34
CA ARG A 242 -13.29 30.97 4.81
C ARG A 242 -14.16 31.03 3.56
N ASN A 243 -15.46 30.86 3.74
CA ASN A 243 -16.33 30.55 2.61
C ASN A 243 -16.59 31.80 1.77
N ASP A 244 -16.42 32.96 2.39
CA ASP A 244 -16.75 34.22 1.72
CA ASP A 244 -16.77 34.20 1.66
C ASP A 244 -15.67 34.59 0.68
N GLU A 245 -14.45 34.05 0.82
CA GLU A 245 -13.39 34.35 -0.15
C GLU A 245 -12.61 33.09 -0.47
N PRO A 246 -13.19 32.19 -1.28
CA PRO A 246 -12.67 30.85 -1.51
C PRO A 246 -11.21 30.88 -1.95
N GLU A 247 -10.82 31.78 -2.85
CA GLU A 247 -9.45 31.82 -3.37
CA GLU A 247 -9.45 31.80 -3.37
C GLU A 247 -8.44 32.29 -2.32
N ARG A 248 -8.93 32.92 -1.24
CA ARG A 248 -8.05 33.38 -0.14
C ARG A 248 -7.92 32.40 1.04
N ALA A 249 -8.62 31.28 0.97
CA ALA A 249 -8.83 30.43 2.13
C ALA A 249 -7.58 29.60 2.48
N SER A 250 -6.92 29.06 1.45
CA SER A 250 -5.75 28.18 1.69
C SER A 250 -4.49 29.04 1.86
N ARG A 251 -3.95 29.15 3.08
CA ARG A 251 -2.89 30.13 3.34
C ARG A 251 -1.68 29.43 4.00
N PRO A 252 -1.06 28.45 3.32
CA PRO A 252 0.07 27.78 3.99
C PRO A 252 1.20 28.73 4.43
N PHE A 253 1.67 28.52 5.67
CA PHE A 253 2.71 29.33 6.31
C PHE A 253 2.29 30.75 6.67
N ASP A 254 1.09 31.17 6.25
CA ASP A 254 0.64 32.48 6.63
C ASP A 254 0.15 32.55 8.09
N LYS A 255 0.30 33.73 8.70
CA LYS A 255 -0.11 33.89 10.11
C LYS A 255 -1.61 33.62 10.31
N ASP A 256 -2.42 33.93 9.30
CA ASP A 256 -3.87 33.84 9.42
C ASP A 256 -4.46 32.53 8.85
N ARG A 257 -3.66 31.48 8.69
CA ARG A 257 -4.16 30.22 8.13
C ARG A 257 -5.17 29.55 9.06
N ASP A 258 -6.15 28.83 8.50
CA ASP A 258 -7.19 28.25 9.36
C ASP A 258 -7.55 26.86 8.86
N GLY A 259 -6.56 26.14 8.31
CA GLY A 259 -6.81 24.76 7.91
C GLY A 259 -6.75 24.56 6.40
N PHE A 260 -6.96 23.31 5.97
CA PHE A 260 -6.76 23.01 4.56
C PHE A 260 -8.01 23.22 3.73
N VAL A 261 -7.79 23.18 2.42
CA VAL A 261 -8.91 23.23 1.48
C VAL A 261 -8.77 22.07 0.50
N PHE A 262 -9.85 21.34 0.19
CA PHE A 262 -9.79 20.29 -0.81
C PHE A 262 -9.56 20.89 -2.20
N GLY A 263 -8.69 20.24 -2.96
CA GLY A 263 -8.53 20.63 -4.38
C GLY A 263 -8.26 19.33 -5.08
N GLU A 264 -9.10 18.96 -6.04
CA GLU A 264 -9.01 17.64 -6.66
C GLU A 264 -7.77 17.54 -7.55
N ALA A 265 -7.21 16.33 -7.68
CA ALA A 265 -6.10 16.13 -8.62
C ALA A 265 -5.87 14.65 -8.83
N GLY A 266 -5.09 14.35 -9.87
CA GLY A 266 -4.42 13.06 -10.03
C GLY A 266 -3.16 13.34 -10.84
N ALA A 267 -2.08 12.56 -10.62
CA ALA A 267 -0.87 12.87 -11.36
C ALA A 267 -0.04 11.61 -11.48
N LEU A 268 0.60 11.43 -12.63
CA LEU A 268 1.55 10.33 -12.81
C LEU A 268 2.79 10.86 -13.51
N MET A 269 3.94 10.23 -13.25
CA MET A 269 5.10 10.50 -14.07
C MET A 269 5.69 9.17 -14.55
N LEU A 270 6.50 9.24 -15.60
CA LEU A 270 7.29 8.12 -16.10
C LEU A 270 8.75 8.33 -15.73
N ILE A 271 9.32 7.35 -15.05
CA ILE A 271 10.70 7.38 -14.68
C ILE A 271 11.36 6.14 -15.31
N GLU A 272 12.62 6.32 -15.66
CA GLU A 272 13.35 5.19 -16.25
C GLU A 272 14.86 5.42 -16.07
N THR A 273 15.68 4.39 -16.29
CA THR A 273 17.11 4.62 -16.16
C THR A 273 17.52 5.55 -17.31
N GLU A 274 18.52 6.36 -17.02
CA GLU A 274 19.07 7.27 -18.03
C GLU A 274 19.46 6.50 -19.29
N GLU A 275 20.04 5.30 -19.15
CA GLU A 275 20.39 4.43 -20.28
CA GLU A 275 20.40 4.57 -20.35
C GLU A 275 19.17 4.10 -21.14
N HIS A 276 18.10 3.71 -20.47
CA HIS A 276 16.85 3.30 -21.11
C HIS A 276 16.28 4.51 -21.86
N ALA A 277 16.33 5.69 -21.23
CA ALA A 277 15.80 6.88 -21.90
C ALA A 277 16.63 7.24 -23.13
N LYS A 278 17.96 7.19 -22.99
CA LYS A 278 18.83 7.51 -24.12
C LYS A 278 18.62 6.52 -25.27
N ALA A 279 18.46 5.22 -24.96
CA ALA A 279 18.32 4.24 -26.04
C ALA A 279 17.08 4.52 -26.91
N ARG A 280 16.02 5.12 -26.35
CA ARG A 280 14.76 5.33 -27.08
C ARG A 280 14.54 6.79 -27.48
N GLY A 281 15.52 7.64 -27.22
CA GLY A 281 15.47 9.05 -27.63
C GLY A 281 14.59 9.95 -26.78
N ALA A 282 14.30 9.57 -25.54
CA ALA A 282 13.39 10.39 -24.70
C ALA A 282 14.16 11.56 -24.10
N LYS A 283 13.59 12.75 -24.03
CA LYS A 283 14.32 13.85 -23.39
C LYS A 283 13.92 13.96 -21.93
N PRO A 284 14.89 13.79 -21.01
CA PRO A 284 14.50 13.89 -19.61
C PRO A 284 14.00 15.30 -19.22
N LEU A 285 13.06 15.36 -18.28
N LEU A 285 13.04 15.38 -18.30
CA LEU A 285 12.58 16.59 -17.67
CA LEU A 285 12.62 16.64 -17.69
C LEU A 285 13.38 16.96 -16.42
C LEU A 285 13.43 16.97 -16.45
N ALA A 286 13.93 15.94 -15.74
CA ALA A 286 14.64 16.11 -14.47
C ALA A 286 15.27 14.77 -14.13
N ARG A 287 16.04 14.75 -13.05
CA ARG A 287 16.52 13.50 -12.46
C ARG A 287 15.85 13.19 -11.13
N LEU A 288 15.58 11.91 -10.83
CA LEU A 288 15.03 11.54 -9.54
C LEU A 288 16.21 10.85 -8.81
N LEU A 289 16.74 11.50 -7.80
CA LEU A 289 18.08 11.14 -7.25
C LEU A 289 18.03 10.27 -6.01
N GLY A 290 16.95 10.42 -5.21
CA GLY A 290 16.88 9.63 -4.00
C GLY A 290 15.61 9.90 -3.23
N ALA A 291 15.32 9.03 -2.27
CA ALA A 291 14.04 9.12 -1.58
C ALA A 291 14.26 8.69 -0.14
N GLY A 292 13.55 9.33 0.79
CA GLY A 292 13.69 8.97 2.20
C GLY A 292 12.29 8.78 2.77
N ILE A 293 12.09 7.67 3.48
CA ILE A 293 10.84 7.43 4.20
C ILE A 293 11.12 7.17 5.66
N THR A 294 10.43 7.92 6.52
CA THR A 294 10.53 7.61 7.96
C THR A 294 9.11 7.66 8.56
N SER A 295 9.03 7.51 9.87
CA SER A 295 7.79 7.65 10.60
C SER A 295 7.99 8.34 11.95
N ASP A 296 6.95 8.98 12.47
CA ASP A 296 7.09 9.74 13.71
C ASP A 296 7.04 8.89 14.99
N ALA A 297 6.20 7.83 15.00
CA ALA A 297 5.70 7.19 16.22
C ALA A 297 5.41 8.25 17.31
N PHE A 298 4.55 9.21 16.96
CA PHE A 298 4.22 10.27 17.91
C PHE A 298 2.69 10.34 18.11
N HIS A 299 1.95 10.56 17.03
CA HIS A 299 0.50 10.71 17.15
C HIS A 299 -0.09 10.27 15.82
N MET A 300 -1.33 9.79 15.85
CA MET A 300 -1.96 9.27 14.63
C MET A 300 -2.31 10.41 13.63
N VAL A 301 -2.70 11.59 14.11
CA VAL A 301 -3.22 12.60 13.18
C VAL A 301 -2.64 13.98 13.48
N ALA A 302 -1.55 14.06 14.24
CA ALA A 302 -0.81 15.33 14.35
C ALA A 302 0.67 15.00 14.19
N PRO A 303 1.38 15.81 13.37
CA PRO A 303 2.82 15.60 13.15
C PRO A 303 3.59 15.97 14.42
N ALA A 304 4.70 15.28 14.70
CA ALA A 304 5.52 15.69 15.84
C ALA A 304 5.97 17.14 15.66
N ALA A 305 5.79 17.98 16.68
CA ALA A 305 6.08 19.42 16.54
C ALA A 305 7.57 19.63 16.20
N ASP A 306 8.45 18.76 16.71
CA ASP A 306 9.88 19.00 16.56
C ASP A 306 10.42 18.76 15.13
N GLY A 307 9.62 18.12 14.27
CA GLY A 307 10.02 17.89 12.88
C GLY A 307 11.21 16.96 12.71
N VAL A 308 11.61 16.25 13.76
CA VAL A 308 12.88 15.52 13.71
C VAL A 308 12.85 14.30 12.75
N ARG A 309 11.86 13.41 12.90
CA ARG A 309 11.76 12.31 11.93
C ARG A 309 11.42 12.77 10.53
N ALA A 310 10.59 13.80 10.43
CA ALA A 310 10.30 14.36 9.12
C ALA A 310 11.58 14.94 8.49
N GLY A 311 12.38 15.67 9.27
CA GLY A 311 13.66 16.21 8.78
C GLY A 311 14.54 15.06 8.34
N ARG A 312 14.48 13.94 9.06
CA ARG A 312 15.36 12.81 8.73
C ARG A 312 14.95 12.15 7.41
N ALA A 313 13.66 12.15 7.05
CA ALA A 313 13.25 11.67 5.70
C ALA A 313 13.94 12.53 4.63
N MET A 314 13.97 13.84 4.86
CA MET A 314 14.69 14.74 3.91
C MET A 314 16.17 14.37 3.88
N THR A 315 16.81 14.26 5.05
CA THR A 315 18.23 13.90 5.08
C THR A 315 18.52 12.59 4.37
N ARG A 316 17.67 11.58 4.58
CA ARG A 316 17.94 10.26 3.98
C ARG A 316 17.85 10.42 2.43
N SER A 317 16.90 11.20 1.91
CA SER A 317 16.86 11.40 0.44
C SER A 317 18.17 12.06 -0.03
N LEU A 318 18.81 12.89 0.81
CA LEU A 318 20.06 13.55 0.41
C LEU A 318 21.21 12.55 0.47
N GLU A 319 21.19 11.71 1.50
CA GLU A 319 22.26 10.68 1.60
C GLU A 319 22.22 9.76 0.39
N LEU A 320 21.03 9.32 -0.03
CA LEU A 320 20.91 8.41 -1.19
C LEU A 320 21.25 9.12 -2.51
N ALA A 321 20.90 10.39 -2.63
CA ALA A 321 21.27 11.18 -3.80
C ALA A 321 22.78 11.44 -3.85
N GLY A 322 23.40 11.55 -2.70
CA GLY A 322 24.80 12.02 -2.60
C GLY A 322 24.92 13.55 -2.50
N LEU A 323 23.95 14.22 -1.87
CA LEU A 323 23.89 15.67 -1.78
C LEU A 323 24.10 16.11 -0.35
N SER A 324 24.51 17.37 -0.19
CA SER A 324 24.43 18.01 1.11
CA SER A 324 24.46 18.06 1.09
C SER A 324 23.27 19.01 1.18
N PRO A 325 22.86 19.36 2.41
CA PRO A 325 21.74 20.29 2.54
C PRO A 325 21.99 21.60 1.82
N ALA A 326 23.23 22.09 1.83
CA ALA A 326 23.49 23.33 1.10
C ALA A 326 23.26 23.26 -0.42
N ASP A 327 23.22 22.05 -0.98
CA ASP A 327 22.95 21.88 -2.42
C ASP A 327 21.48 22.17 -2.74
N ILE A 328 20.60 22.08 -1.74
CA ILE A 328 19.18 22.12 -2.05
C ILE A 328 18.72 23.56 -2.31
N ASP A 329 18.40 23.88 -3.55
CA ASP A 329 17.96 25.26 -3.86
C ASP A 329 16.48 25.49 -3.54
N HIS A 330 15.69 24.41 -3.48
CA HIS A 330 14.25 24.56 -3.47
C HIS A 330 13.61 23.45 -2.64
N VAL A 331 12.59 23.79 -1.86
CA VAL A 331 11.75 22.77 -1.22
C VAL A 331 10.29 23.02 -1.64
N ASN A 332 9.64 21.95 -2.11
CA ASN A 332 8.23 21.99 -2.42
C ASN A 332 7.53 21.43 -1.19
N ALA A 333 7.03 22.36 -0.40
CA ALA A 333 6.48 22.00 0.94
C ALA A 333 5.16 21.24 0.84
N HIS A 334 4.95 20.35 1.81
CA HIS A 334 3.65 19.72 1.97
C HIS A 334 2.62 20.80 2.35
N GLY A 335 2.99 21.71 3.25
CA GLY A 335 2.24 22.97 3.49
C GLY A 335 0.72 22.90 3.38
N THR A 336 0.08 22.21 4.32
CA THR A 336 -1.38 22.05 4.24
C THR A 336 -2.18 23.29 4.67
N ALA A 337 -1.53 24.22 5.37
CA ALA A 337 -2.17 25.45 5.91
C ALA A 337 -2.95 25.21 7.21
N THR A 338 -2.73 24.08 7.86
CA THR A 338 -3.11 24.02 9.29
C THR A 338 -2.08 24.75 10.15
N PRO A 339 -2.52 25.30 11.28
CA PRO A 339 -1.57 25.95 12.21
C PRO A 339 -0.47 24.95 12.63
N ILE A 340 -0.90 23.74 13.00
CA ILE A 340 0.04 22.75 13.55
C ILE A 340 0.94 22.14 12.47
N GLY A 341 0.36 21.83 11.31
CA GLY A 341 1.09 21.09 10.26
C GLY A 341 2.25 21.95 9.75
N ASP A 342 1.99 23.22 9.46
CA ASP A 342 3.00 24.05 8.77
C ASP A 342 4.13 24.34 9.74
N ALA A 343 3.81 24.47 11.04
CA ALA A 343 4.85 24.75 12.05
C ALA A 343 5.79 23.55 12.21
N ALA A 344 5.25 22.33 12.24
CA ALA A 344 6.09 21.12 12.32
C ALA A 344 6.97 21.02 11.06
N GLU A 345 6.38 21.26 9.89
CA GLU A 345 7.20 21.17 8.66
C GLU A 345 8.33 22.22 8.57
N ALA A 346 8.11 23.46 9.03
CA ALA A 346 9.20 24.46 9.12
C ALA A 346 10.30 23.92 10.03
N ASN A 347 9.90 23.27 11.12
CA ASN A 347 10.89 22.71 12.06
C ASN A 347 11.64 21.55 11.35
N ALA A 348 10.93 20.73 10.58
CA ALA A 348 11.57 19.62 9.86
C ALA A 348 12.58 20.17 8.84
N ILE A 349 12.22 21.23 8.13
CA ILE A 349 13.13 21.80 7.11
C ILE A 349 14.42 22.31 7.79
N ARG A 350 14.25 22.93 8.95
CA ARG A 350 15.44 23.34 9.71
C ARG A 350 16.25 22.14 10.14
N VAL A 351 15.62 21.08 10.63
CA VAL A 351 16.39 19.91 11.11
C VAL A 351 17.29 19.34 9.98
N ALA A 352 16.71 19.34 8.78
CA ALA A 352 17.42 18.87 7.60
C ALA A 352 18.48 19.85 7.07
N GLY A 353 18.57 21.06 7.63
CA GLY A 353 19.51 22.09 7.14
C GLY A 353 19.14 22.71 5.81
N CYS A 354 17.85 22.63 5.45
CA CYS A 354 17.34 23.08 4.17
C CYS A 354 16.57 24.39 4.27
N ASP A 355 16.64 25.07 5.41
CA ASP A 355 15.84 26.28 5.60
C ASP A 355 16.41 27.55 4.92
N GLN A 356 17.48 27.43 4.13
CA GLN A 356 17.86 28.52 3.19
C GLN A 356 17.39 28.26 1.74
N ALA A 357 16.70 27.14 1.52
CA ALA A 357 16.09 26.86 0.22
C ALA A 357 14.91 27.82 0.03
N ALA A 358 14.60 28.14 -1.23
CA ALA A 358 13.37 28.82 -1.61
C ALA A 358 12.21 27.82 -1.49
N VAL A 359 11.14 28.22 -0.78
CA VAL A 359 10.02 27.31 -0.49
C VAL A 359 8.76 27.68 -1.25
N TYR A 360 8.07 26.67 -1.80
CA TYR A 360 6.74 26.87 -2.37
C TYR A 360 5.74 25.92 -1.66
N ALA A 361 4.54 26.43 -1.40
CA ALA A 361 3.46 25.57 -0.88
C ALA A 361 2.27 25.55 -1.89
N PRO A 362 2.30 24.63 -2.88
CA PRO A 362 1.30 24.61 -3.94
C PRO A 362 -0.16 24.41 -3.49
N LYS A 363 -0.39 23.86 -2.28
CA LYS A 363 -1.78 23.76 -1.85
C LYS A 363 -2.43 25.14 -1.69
N SER A 364 -1.63 26.21 -1.59
CA SER A 364 -2.13 27.59 -1.60
C SER A 364 -3.03 27.87 -2.81
N ALA A 365 -2.69 27.22 -3.93
CA ALA A 365 -3.42 27.42 -5.20
C ALA A 365 -4.26 26.22 -5.66
N LEU A 366 -3.78 24.99 -5.40
CA LEU A 366 -4.37 23.78 -5.94
C LEU A 366 -5.13 23.01 -4.83
N GLY A 367 -5.02 23.45 -3.58
CA GLY A 367 -5.65 22.68 -2.50
C GLY A 367 -5.05 21.28 -2.34
N HIS A 368 -5.71 20.47 -1.51
CA HIS A 368 -5.16 19.24 -0.96
C HIS A 368 -5.89 18.10 -1.68
N SER A 369 -5.15 17.21 -2.36
CA SER A 369 -5.80 16.04 -2.96
C SER A 369 -5.38 14.73 -2.29
N ILE A 370 -4.97 14.80 -1.00
CA ILE A 370 -4.91 13.58 -0.16
C ILE A 370 -3.98 12.56 -0.87
N GLY A 371 -4.45 11.37 -1.24
CA GLY A 371 -3.55 10.36 -1.79
C GLY A 371 -2.83 10.73 -3.09
N ALA A 372 -3.39 11.66 -3.86
CA ALA A 372 -2.75 12.14 -5.12
C ALA A 372 -1.69 13.22 -4.92
N VAL A 373 -1.80 13.97 -3.82
CA VAL A 373 -1.17 15.29 -3.79
C VAL A 373 0.34 15.26 -3.81
N GLY A 374 0.93 14.23 -3.21
CA GLY A 374 2.39 14.14 -3.23
C GLY A 374 2.91 13.90 -4.66
N ALA A 375 2.14 13.14 -5.44
CA ALA A 375 2.50 12.94 -6.86
C ALA A 375 2.40 14.24 -7.63
N LEU A 376 1.27 14.93 -7.47
CA LEU A 376 1.07 16.24 -8.14
C LEU A 376 2.24 17.16 -7.78
N GLU A 377 2.60 17.24 -6.50
CA GLU A 377 3.63 18.20 -6.09
C GLU A 377 5.02 17.76 -6.55
N SER A 378 5.21 16.45 -6.68
CA SER A 378 6.48 15.95 -7.30
C SER A 378 6.57 16.38 -8.77
N VAL A 379 5.44 16.33 -9.48
CA VAL A 379 5.42 16.84 -10.86
C VAL A 379 5.75 18.33 -10.89
N LEU A 380 5.18 19.10 -9.95
CA LEU A 380 5.50 20.54 -9.91
C LEU A 380 6.99 20.78 -9.61
N THR A 381 7.59 19.91 -8.78
CA THR A 381 9.00 20.07 -8.43
C THR A 381 9.88 19.87 -9.67
N VAL A 382 9.46 18.88 -10.48
CA VAL A 382 10.17 18.58 -11.73
C VAL A 382 10.08 19.80 -12.62
N LEU A 383 8.88 20.37 -12.72
CA LEU A 383 8.76 21.53 -13.61
C LEU A 383 9.55 22.73 -13.13
N THR A 384 9.66 22.92 -11.83
CA THR A 384 10.52 23.99 -11.31
C THR A 384 11.94 23.81 -11.80
N LEU A 385 12.45 22.57 -11.72
CA LEU A 385 13.83 22.33 -12.15
C LEU A 385 14.00 22.45 -13.67
N ARG A 386 13.04 21.92 -14.41
CA ARG A 386 13.05 22.05 -15.87
C ARG A 386 13.05 23.52 -16.34
N ASP A 387 12.21 24.36 -15.71
CA ASP A 387 11.95 25.72 -16.22
C ASP A 387 12.68 26.84 -15.45
N GLY A 388 13.31 26.52 -14.32
CA GLY A 388 14.06 27.51 -13.51
C GLY A 388 13.14 28.51 -12.84
N VAL A 389 11.95 28.08 -12.39
CA VAL A 389 11.04 29.07 -11.77
C VAL A 389 10.19 28.35 -10.71
N ILE A 390 9.91 29.06 -9.62
CA ILE A 390 8.99 28.62 -8.58
C ILE A 390 7.80 29.59 -8.61
N PRO A 391 6.57 29.09 -8.69
CA PRO A 391 5.39 29.97 -8.63
C PRO A 391 5.28 30.64 -7.24
N PRO A 392 4.52 31.75 -7.18
CA PRO A 392 4.22 32.39 -5.90
C PRO A 392 3.28 31.50 -5.05
N THR A 393 3.61 31.38 -3.78
CA THR A 393 2.66 30.78 -2.82
C THR A 393 1.49 31.77 -2.62
N LEU A 394 0.28 31.40 -2.95
CA LEU A 394 -0.83 32.34 -2.84
C LEU A 394 -1.15 32.58 -1.37
N ASN A 395 -1.69 33.78 -1.11
CA ASN A 395 -2.27 34.18 0.18
C ASN A 395 -1.22 34.37 1.27
N TYR A 396 0.04 34.33 0.87
CA TYR A 396 1.10 34.53 1.84
C TYR A 396 1.30 36.03 2.08
N GLU A 397 0.65 36.56 3.12
CA GLU A 397 0.56 38.00 3.32
C GLU A 397 1.17 38.48 4.65
N THR A 398 1.11 37.62 5.67
CA THR A 398 1.61 37.98 7.00
C THR A 398 2.53 36.86 7.45
N PRO A 399 3.84 37.13 7.46
CA PRO A 399 4.73 36.06 7.93
C PRO A 399 4.47 35.69 9.38
N ASP A 400 4.75 34.42 9.68
CA ASP A 400 4.52 33.86 10.97
C ASP A 400 5.93 33.63 11.56
N PRO A 401 6.24 34.23 12.72
CA PRO A 401 7.61 34.14 13.26
C PRO A 401 8.07 32.72 13.66
N GLU A 402 7.14 31.79 13.90
CA GLU A 402 7.55 30.40 14.10
C GLU A 402 7.97 29.70 12.80
N ILE A 403 7.50 30.27 11.69
N ILE A 403 7.67 30.28 11.64
CA ILE A 403 7.92 29.86 10.38
CA ILE A 403 7.92 29.54 10.41
C ILE A 403 8.96 30.89 9.96
C ILE A 403 9.33 29.88 9.90
N ASP A 404 10.21 30.49 9.93
N ASP A 404 9.60 31.18 9.70
CA ASP A 404 11.23 31.42 9.48
CA ASP A 404 10.95 31.67 9.42
C ASP A 404 11.73 30.82 8.18
C ASP A 404 11.60 30.87 8.27
N LEU A 405 10.89 30.83 7.15
CA LEU A 405 11.31 30.14 5.89
C LEU A 405 11.32 31.19 4.77
N ASP A 406 12.06 30.91 3.70
CA ASP A 406 12.06 31.76 2.53
C ASP A 406 10.88 31.36 1.61
N VAL A 407 9.67 31.80 1.96
CA VAL A 407 8.44 31.45 1.23
C VAL A 407 8.34 32.35 -0.01
N VAL A 408 8.35 31.73 -1.19
CA VAL A 408 8.26 32.48 -2.42
C VAL A 408 6.82 32.99 -2.50
N ALA A 409 6.66 34.29 -2.76
CA ALA A 409 5.31 34.90 -2.76
C ALA A 409 5.33 36.17 -3.57
N GLY A 410 4.15 36.58 -4.03
CA GLY A 410 4.00 37.85 -4.74
C GLY A 410 4.14 37.66 -6.24
N GLU A 411 5.32 37.21 -6.64
CA GLU A 411 5.60 36.89 -8.04
CA GLU A 411 5.68 36.96 -8.04
C GLU A 411 6.43 35.61 -8.10
N PRO A 412 6.52 34.98 -9.29
CA PRO A 412 7.44 33.84 -9.35
C PRO A 412 8.88 34.20 -9.02
N ARG A 413 9.59 33.19 -8.50
CA ARG A 413 11.00 33.36 -8.23
C ARG A 413 11.76 32.57 -9.29
N TYR A 414 12.59 33.28 -10.05
CA TYR A 414 13.41 32.67 -11.09
C TYR A 414 14.79 32.30 -10.56
N GLY A 415 15.39 31.27 -11.14
CA GLY A 415 16.77 30.97 -10.71
C GLY A 415 17.27 29.74 -11.40
N ASP A 416 18.58 29.53 -11.35
CA ASP A 416 19.11 28.32 -11.92
C ASP A 416 19.07 27.19 -10.86
N TYR A 417 17.90 26.65 -10.56
CA TYR A 417 17.79 25.67 -9.48
C TYR A 417 18.40 24.34 -9.92
N ARG A 418 19.28 23.75 -9.15
N ARG A 418 19.27 23.81 -9.06
CA ARG A 418 19.85 22.49 -9.63
CA ARG A 418 20.09 22.61 -9.30
C ARG A 418 19.40 21.26 -8.80
C ARG A 418 19.42 21.34 -8.79
N TYR A 419 18.93 21.46 -7.57
CA TYR A 419 18.43 20.35 -6.75
C TYR A 419 17.27 20.84 -5.92
N ALA A 420 16.28 19.96 -5.73
CA ALA A 420 15.11 20.30 -4.98
C ALA A 420 14.63 19.09 -4.19
N VAL A 421 13.94 19.35 -3.10
CA VAL A 421 13.27 18.28 -2.35
C VAL A 421 11.77 18.52 -2.32
N ASN A 422 11.00 17.48 -2.65
CA ASN A 422 9.57 17.48 -2.47
C ASN A 422 9.20 16.72 -1.19
N ASN A 423 8.49 17.42 -0.31
CA ASN A 423 8.05 16.81 0.97
C ASN A 423 6.60 16.37 0.88
N SER A 424 6.21 15.28 1.55
CA SER A 424 4.82 14.88 1.74
CA SER A 424 4.83 14.89 1.73
C SER A 424 4.73 14.16 3.10
N PHE A 425 3.65 14.37 3.85
CA PHE A 425 3.47 13.65 5.13
C PHE A 425 2.07 13.12 5.18
N GLY A 426 1.79 12.17 6.08
CA GLY A 426 0.44 11.58 6.08
C GLY A 426 -0.02 11.18 7.49
N PHE A 427 -1.31 11.22 7.76
CA PHE A 427 -1.91 10.65 8.97
C PHE A 427 -1.36 9.23 9.11
N GLY A 428 -0.94 8.92 10.31
CA GLY A 428 -0.26 7.68 10.62
C GLY A 428 1.17 8.04 11.01
N GLY A 429 1.61 9.28 10.78
CA GLY A 429 3.00 9.67 11.09
C GLY A 429 4.02 9.40 9.95
N HIS A 430 3.55 9.35 8.70
CA HIS A 430 4.42 8.98 7.56
C HIS A 430 5.12 10.20 7.04
N ASN A 431 6.43 10.12 6.83
CA ASN A 431 7.21 11.24 6.27
C ASN A 431 7.91 10.76 5.00
N VAL A 432 7.68 11.42 3.87
CA VAL A 432 8.32 11.00 2.62
C VAL A 432 9.00 12.23 1.98
N ALA A 433 10.26 12.10 1.59
CA ALA A 433 10.94 13.19 0.87
C ALA A 433 11.58 12.63 -0.39
N LEU A 434 11.49 13.39 -1.47
CA LEU A 434 12.02 12.94 -2.78
C LEU A 434 13.03 14.00 -3.19
N ALA A 435 14.25 13.57 -3.51
CA ALA A 435 15.25 14.50 -4.03
C ALA A 435 15.35 14.47 -5.55
N PHE A 436 15.15 15.61 -6.20
CA PHE A 436 15.23 15.72 -7.65
C PHE A 436 16.34 16.68 -8.04
N GLY A 437 16.83 16.51 -9.26
CA GLY A 437 17.86 17.38 -9.80
C GLY A 437 17.56 17.81 -11.21
N ARG A 438 18.08 18.96 -11.57
CA ARG A 438 17.99 19.44 -12.93
C ARG A 438 18.70 18.47 -13.87
N TYR A 439 18.11 18.26 -15.04
CA TYR A 439 18.78 17.45 -16.05
C TYR A 439 19.52 18.40 -17.00
N GLN B 26 26.88 -9.22 -8.67
CA GLN B 26 25.60 -8.61 -8.16
C GLN B 26 25.20 -9.17 -6.79
N PRO B 27 24.65 -8.30 -5.92
CA PRO B 27 24.44 -8.70 -4.53
C PRO B 27 23.41 -9.81 -4.34
N SER B 28 23.76 -10.80 -3.51
CA SER B 28 22.80 -11.76 -2.99
C SER B 28 23.03 -11.98 -1.49
N THR B 29 22.10 -12.69 -0.85
CA THR B 29 22.29 -13.06 0.54
C THR B 29 23.46 -14.06 0.66
N ALA B 30 23.46 -15.10 -0.15
CA ALA B 30 24.57 -16.06 -0.13
C ALA B 30 25.97 -15.44 -0.33
N ASN B 31 26.08 -14.43 -1.20
CA ASN B 31 27.41 -13.86 -1.48
C ASN B 31 27.77 -12.69 -0.56
N GLY B 32 26.88 -12.35 0.36
CA GLY B 32 27.20 -11.33 1.37
C GLY B 32 26.89 -9.92 0.91
N GLY B 33 26.36 -9.77 -0.31
CA GLY B 33 26.04 -8.44 -0.83
C GLY B 33 24.85 -7.85 -0.08
N PHE B 34 24.00 -8.72 0.45
CA PHE B 34 22.95 -8.26 1.36
C PHE B 34 23.34 -8.71 2.76
N PRO B 35 22.97 -7.92 3.79
CA PRO B 35 23.05 -8.49 5.14
C PRO B 35 22.16 -9.71 5.36
N SER B 36 22.57 -10.58 6.28
CA SER B 36 21.74 -11.70 6.68
C SER B 36 20.56 -11.22 7.53
N VAL B 37 19.34 -11.67 7.20
CA VAL B 37 18.15 -11.23 7.88
C VAL B 37 17.49 -12.48 8.49
N VAL B 38 17.12 -12.40 9.77
CA VAL B 38 16.57 -13.58 10.45
C VAL B 38 15.17 -13.28 10.97
N VAL B 39 14.34 -14.33 11.11
CA VAL B 39 13.03 -14.22 11.75
C VAL B 39 13.21 -14.58 13.21
N THR B 40 12.79 -13.72 14.15
CA THR B 40 13.14 -13.99 15.56
C THR B 40 11.87 -14.13 16.42
N ALA B 41 10.69 -13.87 15.88
CA ALA B 41 9.45 -14.11 16.63
C ALA B 41 8.32 -14.13 15.62
N VAL B 42 7.23 -14.84 15.94
CA VAL B 42 6.04 -14.92 15.08
C VAL B 42 4.79 -14.88 15.96
N THR B 43 3.66 -14.39 15.45
CA THR B 43 2.43 -14.49 16.23
C THR B 43 1.32 -14.61 15.18
N ALA B 44 0.25 -15.32 15.50
CA ALA B 44 -0.88 -15.37 14.55
C ALA B 44 -2.14 -15.78 15.30
N THR B 45 -3.29 -15.33 14.82
CA THR B 45 -4.55 -15.81 15.37
C THR B 45 -5.29 -16.45 14.19
N THR B 46 -5.85 -17.65 14.41
CA THR B 46 -6.45 -18.39 13.30
C THR B 46 -7.78 -19.04 13.71
N SER B 47 -8.45 -19.65 12.73
CA SER B 47 -9.61 -20.47 13.01
C SER B 47 -9.36 -21.71 13.88
N ILE B 48 -8.10 -22.12 14.05
CA ILE B 48 -7.81 -23.25 14.91
C ILE B 48 -7.50 -22.82 16.34
N SER B 49 -6.75 -21.73 16.49
CA SER B 49 -6.26 -21.30 17.80
C SER B 49 -5.81 -19.84 17.79
N PRO B 50 -5.89 -19.14 18.92
CA PRO B 50 -5.21 -17.84 18.98
C PRO B 50 -3.69 -17.98 19.17
N ASP B 51 -3.20 -19.20 19.39
CA ASP B 51 -1.81 -19.42 19.79
CA ASP B 51 -1.81 -19.42 19.77
C ASP B 51 -1.11 -20.13 18.60
N ILE B 52 -0.16 -19.46 17.94
CA ILE B 52 0.45 -20.04 16.74
C ILE B 52 1.05 -21.44 16.98
N GLU B 53 1.63 -21.69 18.15
CA GLU B 53 2.16 -23.04 18.41
C GLU B 53 1.05 -24.10 18.44
N SER B 54 -0.13 -23.74 18.95
CA SER B 54 -1.26 -24.68 18.92
C SER B 54 -1.91 -24.82 17.56
N THR B 55 -2.04 -23.72 16.82
CA THR B 55 -2.36 -23.82 15.38
C THR B 55 -1.46 -24.86 14.71
N TRP B 56 -0.16 -24.78 14.98
CA TRP B 56 0.81 -25.60 14.28
C TRP B 56 0.64 -27.07 14.69
N LYS B 57 0.50 -27.32 16.00
CA LYS B 57 0.24 -28.70 16.46
C LYS B 57 -1.06 -29.24 15.84
N GLY B 58 -2.08 -28.40 15.83
CA GLY B 58 -3.35 -28.73 15.19
C GLY B 58 -3.25 -29.13 13.74
N LEU B 59 -2.53 -28.31 12.97
CA LEU B 59 -2.31 -28.59 11.56
C LEU B 59 -1.64 -29.93 11.39
N LEU B 60 -0.59 -30.18 12.17
CA LEU B 60 0.14 -31.44 12.03
C LEU B 60 -0.73 -32.66 12.37
N ALA B 61 -1.74 -32.48 13.23
CA ALA B 61 -2.67 -33.53 13.61
C ALA B 61 -3.83 -33.67 12.62
N GLY B 62 -3.79 -32.92 11.54
CA GLY B 62 -4.83 -32.98 10.51
C GLY B 62 -6.10 -32.19 10.84
N GLU B 63 -6.01 -31.22 11.76
CA GLU B 63 -7.23 -30.48 12.11
C GLU B 63 -7.56 -29.42 11.07
N SER B 64 -8.86 -29.17 10.92
CA SER B 64 -9.39 -28.08 10.09
C SER B 64 -10.02 -27.01 10.95
N GLY B 65 -9.95 -25.76 10.52
CA GLY B 65 -10.62 -24.67 11.26
C GLY B 65 -11.95 -24.33 10.62
N ILE B 66 -12.36 -25.11 9.63
CA ILE B 66 -13.55 -24.72 8.83
C ILE B 66 -14.81 -25.40 9.38
N HIS B 67 -15.92 -24.67 9.59
CA HIS B 67 -17.16 -25.24 10.13
C HIS B 67 -18.38 -24.67 9.41
N ALA B 68 -19.57 -25.16 9.74
CA ALA B 68 -20.82 -24.47 9.41
C ALA B 68 -20.79 -23.10 10.08
N LEU B 69 -21.14 -22.04 9.35
CA LEU B 69 -21.30 -20.72 9.96
C LEU B 69 -22.61 -20.65 10.72
N GLU B 70 -22.56 -20.14 11.96
CA GLU B 70 -23.77 -20.11 12.79
C GLU B 70 -24.39 -18.72 12.78
N ASP B 71 -23.72 -17.77 12.13
CA ASP B 71 -24.13 -16.37 12.22
C ASP B 71 -25.54 -16.25 11.71
N GLU B 72 -26.29 -15.38 12.37
CA GLU B 72 -27.64 -15.06 11.94
C GLU B 72 -27.65 -14.46 10.53
N PHE B 73 -26.60 -13.74 10.13
CA PHE B 73 -26.58 -13.17 8.77
C PHE B 73 -26.71 -14.24 7.66
N VAL B 74 -26.26 -15.47 7.91
CA VAL B 74 -26.40 -16.51 6.90
C VAL B 74 -27.86 -16.81 6.60
N THR B 75 -28.66 -16.98 7.64
CA THR B 75 -30.05 -17.34 7.44
C THR B 75 -30.85 -16.09 7.05
N LYS B 76 -30.48 -14.92 7.58
CA LYS B 76 -31.11 -13.65 7.22
C LYS B 76 -31.13 -13.44 5.71
N TRP B 77 -29.98 -13.64 5.06
CA TRP B 77 -29.83 -13.40 3.62
C TRP B 77 -29.91 -14.68 2.80
N ASP B 78 -30.02 -15.84 3.47
CA ASP B 78 -29.95 -17.19 2.84
C ASP B 78 -28.78 -17.26 1.86
N LEU B 79 -27.58 -16.98 2.38
CA LEU B 79 -26.37 -16.99 1.58
C LEU B 79 -26.07 -18.37 1.00
N ALA B 80 -25.52 -18.37 -0.22
CA ALA B 80 -25.26 -19.60 -0.93
C ALA B 80 -24.10 -20.30 -0.22
N VAL B 81 -23.21 -19.51 0.38
CA VAL B 81 -22.07 -20.04 1.15
C VAL B 81 -22.42 -20.04 2.63
N LYS B 82 -22.33 -21.21 3.27
CA LYS B 82 -22.74 -21.35 4.66
C LYS B 82 -21.62 -21.94 5.52
N ILE B 83 -20.38 -21.81 5.06
CA ILE B 83 -19.25 -22.43 5.73
C ILE B 83 -18.08 -21.43 5.87
N GLY B 84 -17.18 -21.68 6.82
CA GLY B 84 -15.97 -20.83 6.89
C GLY B 84 -15.39 -20.96 8.28
N GLY B 85 -14.22 -20.35 8.51
CA GLY B 85 -13.59 -20.51 9.82
C GLY B 85 -13.45 -19.16 10.52
N HIS B 86 -14.32 -18.88 11.51
CA HIS B 86 -14.15 -17.67 12.34
C HIS B 86 -12.89 -17.92 13.18
N LEU B 87 -12.26 -16.87 13.72
CA LEU B 87 -11.18 -17.06 14.70
C LEU B 87 -11.69 -17.89 15.87
N LYS B 88 -10.82 -18.79 16.34
CA LYS B 88 -11.14 -19.62 17.50
CA LYS B 88 -11.15 -19.62 17.49
C LYS B 88 -11.40 -18.72 18.70
N ASP B 89 -10.63 -17.65 18.79
CA ASP B 89 -10.73 -16.70 19.90
C ASP B 89 -10.90 -15.31 19.30
N PRO B 90 -12.12 -14.77 19.37
CA PRO B 90 -12.34 -13.50 18.68
C PRO B 90 -11.43 -12.37 19.20
N VAL B 91 -10.92 -11.54 18.31
CA VAL B 91 -10.11 -10.36 18.66
C VAL B 91 -10.77 -9.52 19.75
N ASP B 92 -12.07 -9.29 19.63
CA ASP B 92 -12.72 -8.39 20.56
C ASP B 92 -13.03 -8.99 21.95
N SER B 93 -12.68 -10.24 22.23
N SER B 93 -12.68 -10.24 22.20
CA SER B 93 -12.73 -10.70 23.61
CA SER B 93 -12.70 -10.74 23.59
C SER B 93 -11.52 -10.18 24.38
C SER B 93 -11.57 -10.10 24.39
N HIS B 94 -10.63 -9.48 23.68
CA HIS B 94 -9.43 -8.90 24.28
C HIS B 94 -9.46 -7.37 24.25
N MET B 95 -10.59 -6.80 23.88
CA MET B 95 -10.62 -5.34 23.65
C MET B 95 -11.49 -4.59 24.67
N GLY B 96 -11.03 -3.44 25.18
CA GLY B 96 -11.89 -2.57 26.00
C GLY B 96 -12.99 -1.90 25.16
N ARG B 97 -14.08 -1.46 25.79
CA ARG B 97 -15.14 -0.78 25.04
C ARG B 97 -14.70 0.56 24.40
N LEU B 98 -13.63 1.17 24.93
CA LEU B 98 -13.11 2.39 24.33
C LEU B 98 -12.40 2.05 23.03
N ASP B 99 -11.66 0.96 23.04
CA ASP B 99 -10.97 0.55 21.82
C ASP B 99 -11.97 0.17 20.75
N MET B 100 -13.06 -0.42 21.19
CA MET B 100 -14.14 -0.83 20.32
C MET B 100 -14.79 0.34 19.60
N ARG B 101 -14.70 1.54 20.18
CA ARG B 101 -15.29 2.76 19.62
CA ARG B 101 -15.29 2.72 19.56
C ARG B 101 -14.24 3.61 18.90
N ARG B 102 -12.95 3.41 19.17
CA ARG B 102 -11.98 4.34 18.62
CA ARG B 102 -11.88 4.31 18.70
C ARG B 102 -10.93 3.69 17.69
N MET B 103 -11.09 2.40 17.39
CA MET B 103 -10.27 1.73 16.36
C MET B 103 -11.21 0.95 15.44
N SER B 104 -10.84 0.78 14.17
CA SER B 104 -11.53 -0.21 13.32
C SER B 104 -11.08 -1.61 13.70
N TYR B 105 -11.81 -2.60 13.21
CA TYR B 105 -11.49 -3.99 13.51
C TYR B 105 -10.04 -4.36 13.15
N VAL B 106 -9.57 -3.96 11.96
CA VAL B 106 -8.23 -4.38 11.60
C VAL B 106 -7.19 -3.69 12.51
N GLN B 107 -7.47 -2.46 12.97
CA GLN B 107 -6.59 -1.81 13.96
C GLN B 107 -6.57 -2.57 15.29
N ARG B 108 -7.74 -3.00 15.74
CA ARG B 108 -7.83 -3.82 16.97
C ARG B 108 -7.04 -5.11 16.82
N MET B 109 -7.18 -5.80 15.68
CA MET B 109 -6.38 -7.02 15.45
C MET B 109 -4.89 -6.65 15.48
N GLY B 110 -4.53 -5.53 14.85
CA GLY B 110 -3.12 -5.19 14.73
C GLY B 110 -2.53 -4.86 16.11
N LYS B 111 -3.27 -4.13 16.94
CA LYS B 111 -2.85 -3.85 18.30
C LYS B 111 -2.69 -5.14 19.12
N LEU B 112 -3.66 -6.04 19.02
CA LEU B 112 -3.60 -7.33 19.75
C LEU B 112 -2.34 -8.13 19.34
N LEU B 113 -2.16 -8.28 18.01
CA LEU B 113 -1.03 -9.08 17.50
C LEU B 113 0.32 -8.42 17.77
N GLY B 114 0.39 -7.10 17.64
CA GLY B 114 1.65 -6.41 17.84
C GLY B 114 2.14 -6.51 19.27
N GLY B 115 1.24 -6.40 20.23
CA GLY B 115 1.65 -6.59 21.63
C GLY B 115 2.05 -8.04 21.92
N GLN B 116 1.32 -9.00 21.36
CA GLN B 116 1.72 -10.40 21.55
C GLN B 116 3.09 -10.73 20.95
N LEU B 117 3.32 -10.25 19.74
CA LEU B 117 4.60 -10.44 19.07
C LEU B 117 5.73 -9.85 19.93
N TRP B 118 5.59 -8.59 20.36
CA TRP B 118 6.65 -7.92 21.09
C TRP B 118 6.94 -8.69 22.38
N GLU B 119 5.90 -9.13 23.09
CA GLU B 119 6.11 -9.92 24.29
CA GLU B 119 6.05 -9.97 24.28
C GLU B 119 6.85 -11.23 23.97
N SER B 120 6.47 -11.92 22.91
CA SER B 120 7.17 -13.14 22.49
C SER B 120 8.64 -12.91 22.18
N ALA B 121 8.97 -11.74 21.63
CA ALA B 121 10.35 -11.34 21.31
C ALA B 121 11.17 -10.99 22.58
N GLY B 122 10.54 -11.04 23.75
CA GLY B 122 11.22 -10.60 24.98
C GLY B 122 11.14 -9.10 25.22
N SER B 123 10.16 -8.41 24.63
CA SER B 123 10.03 -6.95 24.79
C SER B 123 11.37 -6.19 24.64
N PRO B 124 12.04 -6.35 23.49
CA PRO B 124 13.38 -5.79 23.30
C PRO B 124 13.36 -4.26 23.31
N GLU B 125 14.42 -3.64 23.81
CA GLU B 125 14.59 -2.18 23.67
C GLU B 125 15.38 -2.02 22.38
N VAL B 126 14.76 -1.54 21.31
CA VAL B 126 15.51 -1.36 20.06
C VAL B 126 15.64 0.14 19.80
N ASP B 127 16.46 0.52 18.81
CA ASP B 127 16.60 1.93 18.44
C ASP B 127 15.38 2.26 17.58
N PRO B 128 14.49 3.14 18.06
CA PRO B 128 13.27 3.41 17.28
C PRO B 128 13.60 3.90 15.86
N ASP B 129 14.71 4.61 15.71
CA ASP B 129 15.05 5.19 14.42
C ASP B 129 15.62 4.12 13.47
N ARG B 130 15.75 2.87 13.93
CA ARG B 130 16.17 1.76 13.06
C ARG B 130 15.09 0.67 12.95
N PHE B 131 13.87 1.00 13.39
CA PHE B 131 12.79 0.05 13.56
C PHE B 131 11.63 0.50 12.63
N ALA B 132 11.21 -0.40 11.74
CA ALA B 132 10.16 -0.18 10.73
C ALA B 132 9.03 -1.17 10.96
N VAL B 133 7.85 -0.79 10.46
CA VAL B 133 6.69 -1.67 10.47
C VAL B 133 6.16 -1.71 9.04
N VAL B 134 5.84 -2.90 8.56
CA VAL B 134 5.20 -3.05 7.24
C VAL B 134 4.06 -4.03 7.41
N VAL B 135 2.82 -3.59 7.19
CA VAL B 135 1.69 -4.47 7.46
C VAL B 135 0.69 -4.25 6.35
N GLY B 136 0.36 -5.32 5.61
CA GLY B 136 -0.61 -5.24 4.53
C GLY B 136 -2.00 -5.56 5.04
N THR B 137 -3.02 -5.18 4.25
CA THR B 137 -4.39 -5.57 4.55
C THR B 137 -5.14 -5.39 3.25
N GLY B 138 -6.26 -6.10 3.10
CA GLY B 138 -6.97 -6.07 1.82
C GLY B 138 -7.72 -4.76 1.62
N LEU B 139 -8.29 -4.19 2.68
CA LEU B 139 -9.17 -3.05 2.47
C LEU B 139 -9.02 -1.99 3.55
N GLY B 140 -9.07 -2.37 4.82
CA GLY B 140 -8.89 -1.33 5.83
C GLY B 140 -10.13 -1.30 6.71
N GLY B 141 -10.37 -0.16 7.34
CA GLY B 141 -11.43 -0.01 8.34
C GLY B 141 -12.77 0.23 7.65
N ALA B 142 -13.18 -0.65 6.72
CA ALA B 142 -14.34 -0.36 5.88
C ALA B 142 -15.69 -0.34 6.62
N GLU B 143 -15.78 -1.07 7.73
CA GLU B 143 -17.06 -1.04 8.49
C GLU B 143 -17.30 0.41 8.96
N ARG B 144 -16.26 1.20 9.16
CA ARG B 144 -16.48 2.58 9.65
C ARG B 144 -16.88 3.49 8.53
N ILE B 145 -16.60 3.08 7.30
CA ILE B 145 -17.16 3.78 6.14
C ILE B 145 -18.66 3.63 6.09
N VAL B 146 -19.17 2.41 6.10
CA VAL B 146 -20.64 2.28 6.07
C VAL B 146 -21.27 2.83 7.36
N GLU B 147 -20.58 2.75 8.50
CA GLU B 147 -21.14 3.33 9.74
CA GLU B 147 -21.21 3.31 9.72
C GLU B 147 -21.28 4.84 9.63
N SER B 148 -20.24 5.48 9.06
CA SER B 148 -20.21 6.96 8.97
C SER B 148 -21.33 7.38 7.99
N TYR B 149 -21.46 6.63 6.90
CA TYR B 149 -22.51 6.86 5.92
C TYR B 149 -23.90 6.81 6.52
N ASP B 150 -24.15 5.72 7.23
CA ASP B 150 -25.42 5.59 7.94
C ASP B 150 -25.66 6.71 8.94
N LEU B 151 -24.63 7.00 9.75
CA LEU B 151 -24.81 8.07 10.74
C LEU B 151 -25.18 9.40 10.10
N MET B 152 -24.45 9.76 9.04
CA MET B 152 -24.73 11.04 8.37
C MET B 152 -26.11 11.05 7.71
N ASN B 153 -26.45 9.93 7.08
CA ASN B 153 -27.80 9.85 6.51
C ASN B 153 -28.89 10.02 7.56
N ALA B 154 -28.68 9.49 8.76
CA ALA B 154 -29.70 9.59 9.81
C ALA B 154 -29.72 10.97 10.50
N GLY B 155 -28.54 11.57 10.70
CA GLY B 155 -28.47 12.76 11.54
C GLY B 155 -27.62 13.93 11.06
N GLY B 156 -27.08 13.83 9.87
CA GLY B 156 -26.25 14.93 9.34
C GLY B 156 -24.75 14.79 9.52
N PRO B 157 -24.00 15.73 8.92
CA PRO B 157 -22.58 15.61 8.81
C PRO B 157 -21.91 15.69 10.18
N ARG B 158 -22.55 16.33 11.16
CA ARG B 158 -21.90 16.46 12.47
C ARG B 158 -22.09 15.25 13.37
N LYS B 159 -22.71 14.21 12.80
CA LYS B 159 -22.78 12.94 13.52
C LYS B 159 -21.64 11.98 13.18
N VAL B 160 -20.81 12.32 12.19
CA VAL B 160 -19.69 11.45 11.83
C VAL B 160 -18.64 11.54 12.92
N SER B 161 -17.98 10.44 13.29
CA SER B 161 -16.97 10.50 14.33
C SER B 161 -15.77 11.37 13.96
N PRO B 162 -15.22 12.15 14.93
CA PRO B 162 -13.93 12.83 14.69
C PRO B 162 -12.79 11.87 14.47
N LEU B 163 -12.97 10.59 14.82
CA LEU B 163 -11.93 9.58 14.59
C LEU B 163 -12.17 8.77 13.31
N ALA B 164 -13.19 9.08 12.54
CA ALA B 164 -13.51 8.22 11.41
C ALA B 164 -12.38 8.14 10.38
N VAL B 165 -11.74 9.27 10.03
CA VAL B 165 -10.70 9.21 9.01
C VAL B 165 -9.58 8.25 9.41
N GLN B 166 -9.16 8.38 10.67
CA GLN B 166 -8.00 7.62 11.14
C GLN B 166 -8.31 6.14 11.43
N MET B 167 -9.56 5.79 11.61
CA MET B 167 -10.00 4.37 11.67
C MET B 167 -10.19 3.76 10.27
N ILE B 168 -10.59 4.59 9.32
CA ILE B 168 -10.91 4.10 7.96
C ILE B 168 -9.65 3.89 7.11
N MET B 169 -8.70 4.80 7.22
CA MET B 169 -7.56 4.81 6.25
C MET B 169 -6.86 3.43 6.26
N PRO B 170 -6.50 2.92 5.08
CA PRO B 170 -6.04 1.51 5.08
C PRO B 170 -4.65 1.33 5.69
N ASN B 171 -3.86 2.40 5.81
CA ASN B 171 -2.61 2.37 6.58
C ASN B 171 -2.88 2.38 8.10
N GLY B 172 -4.16 2.40 8.51
CA GLY B 172 -4.53 2.54 9.95
C GLY B 172 -3.95 1.45 10.84
N ALA B 173 -4.05 0.19 10.40
CA ALA B 173 -3.51 -0.90 11.22
C ALA B 173 -1.97 -0.82 11.41
N ALA B 174 -1.23 -0.65 10.30
CA ALA B 174 0.23 -0.52 10.38
C ALA B 174 0.60 0.67 11.29
N ALA B 175 -0.16 1.75 11.17
CA ALA B 175 0.15 2.96 11.92
C ALA B 175 -0.12 2.74 13.40
N VAL B 176 -1.17 1.98 13.71
CA VAL B 176 -1.44 1.65 15.14
C VAL B 176 -0.25 0.85 15.71
N ILE B 177 0.22 -0.14 14.97
CA ILE B 177 1.34 -0.95 15.43
C ILE B 177 2.66 -0.13 15.54
N GLY B 178 2.91 0.73 14.56
CA GLY B 178 4.04 1.66 14.60
C GLY B 178 3.98 2.54 15.84
N LEU B 179 2.81 3.06 16.17
N LEU B 179 2.82 3.06 16.17
CA LEU B 179 2.71 3.91 17.35
CA LEU B 179 2.74 3.90 17.37
C LEU B 179 2.80 3.13 18.67
C LEU B 179 2.86 3.10 18.66
N GLN B 180 2.18 1.95 18.68
CA GLN B 180 2.23 1.06 19.83
C GLN B 180 3.66 0.61 20.16
N LEU B 181 4.47 0.33 19.15
CA LEU B 181 5.77 -0.31 19.42
C LEU B 181 6.91 0.70 19.27
N GLY B 182 6.63 1.87 18.69
CA GLY B 182 7.63 2.94 18.69
C GLY B 182 8.49 2.89 17.42
N ALA B 183 7.90 2.59 16.27
CA ALA B 183 8.71 2.47 15.05
C ALA B 183 8.86 3.83 14.33
N ARG B 184 10.10 4.27 14.13
CA ARG B 184 10.44 5.56 13.50
C ARG B 184 11.23 5.44 12.21
N ALA B 185 11.47 4.22 11.73
CA ALA B 185 12.15 4.07 10.45
C ALA B 185 11.22 3.78 9.28
N GLY B 186 9.91 4.08 9.43
CA GLY B 186 8.98 3.96 8.31
C GLY B 186 7.82 3.02 8.76
N VAL B 187 6.61 3.34 8.37
CA VAL B 187 5.44 2.50 8.57
C VAL B 187 4.73 2.43 7.23
N MET B 188 4.70 1.21 6.70
N MET B 188 4.77 1.23 6.64
CA MET B 188 4.28 1.01 5.33
CA MET B 188 4.34 1.03 5.26
C MET B 188 3.14 0.00 5.24
C MET B 188 3.20 0.02 5.20
N THR B 189 2.23 0.31 4.33
CA THR B 189 1.11 -0.57 4.02
C THR B 189 1.03 -0.84 2.50
N PRO B 190 1.59 -1.97 2.02
CA PRO B 190 1.46 -2.39 0.62
C PRO B 190 0.10 -3.07 0.48
N VAL B 191 -0.70 -2.63 -0.48
CA VAL B 191 -1.96 -3.28 -0.75
C VAL B 191 -1.92 -3.99 -2.10
N SER B 192 -2.08 -5.32 -2.06
CA SER B 192 -2.09 -6.11 -3.28
C SER B 192 -3.11 -7.26 -3.09
N ALA B 193 -4.28 -6.92 -2.50
CA ALA B 193 -5.35 -7.92 -2.31
C ALA B 193 -4.77 -9.17 -1.64
N GLN B 194 -4.98 -10.35 -2.23
CA GLN B 194 -4.66 -11.60 -1.50
C GLN B 194 -3.14 -11.80 -1.32
N SER B 195 -2.31 -10.99 -1.96
CA SER B 195 -0.87 -11.15 -1.71
C SER B 195 -0.32 -10.11 -0.70
N SER B 196 -1.17 -9.26 -0.15
CA SER B 196 -0.68 -8.11 0.66
C SER B 196 0.21 -8.59 1.80
N GLY B 197 -0.17 -9.69 2.44
CA GLY B 197 0.51 -10.10 3.70
C GLY B 197 1.92 -10.57 3.48
N SER B 198 2.13 -11.22 2.35
CA SER B 198 3.49 -11.61 1.93
C SER B 198 4.24 -10.40 1.34
N GLU B 199 3.50 -9.55 0.64
CA GLU B 199 4.20 -8.40 0.06
C GLU B 199 4.78 -7.51 1.20
N ALA B 200 4.10 -7.45 2.33
CA ALA B 200 4.56 -6.62 3.43
C ALA B 200 5.88 -7.18 3.95
N ILE B 201 5.99 -8.50 4.04
CA ILE B 201 7.27 -9.06 4.52
C ILE B 201 8.37 -8.80 3.46
N ALA B 202 8.02 -8.89 2.18
CA ALA B 202 8.97 -8.54 1.09
C ALA B 202 9.55 -7.13 1.24
N HIS B 203 8.69 -6.13 1.46
CA HIS B 203 9.18 -4.75 1.58
C HIS B 203 9.94 -4.53 2.88
N ALA B 204 9.58 -5.25 3.95
CA ALA B 204 10.34 -5.15 5.20
C ALA B 204 11.76 -5.71 5.01
N TRP B 205 11.87 -6.81 4.31
CA TRP B 205 13.18 -7.37 3.94
C TRP B 205 13.93 -6.33 3.07
N ARG B 206 13.25 -5.72 2.09
CA ARG B 206 13.97 -4.71 1.29
C ARG B 206 14.48 -3.53 2.12
N GLN B 207 13.65 -3.13 3.09
N GLN B 207 13.69 -3.09 3.09
CA GLN B 207 13.89 -1.96 3.92
CA GLN B 207 14.09 -1.90 3.81
C GLN B 207 15.12 -2.21 4.78
C GLN B 207 15.26 -2.22 4.71
N ILE B 208 15.33 -3.46 5.16
CA ILE B 208 16.51 -3.82 5.94
C ILE B 208 17.74 -3.97 5.06
N VAL B 209 17.62 -4.68 3.94
CA VAL B 209 18.80 -4.86 3.12
C VAL B 209 19.28 -3.55 2.48
N MET B 210 18.40 -2.59 2.20
CA MET B 210 18.76 -1.26 1.66
CA MET B 210 18.90 -1.34 1.64
C MET B 210 19.38 -0.36 2.74
N GLY B 211 19.34 -0.81 3.99
CA GLY B 211 19.95 -0.07 5.12
C GLY B 211 19.06 0.98 5.80
N ASP B 212 17.76 0.97 5.50
CA ASP B 212 16.81 1.89 6.14
C ASP B 212 16.32 1.44 7.55
N ALA B 213 16.56 0.18 7.89
CA ALA B 213 16.12 -0.33 9.21
C ALA B 213 17.00 -1.53 9.55
N ASP B 214 17.11 -1.86 10.83
CA ASP B 214 17.79 -3.06 11.29
C ASP B 214 16.82 -4.10 11.85
N VAL B 215 15.56 -3.71 12.05
CA VAL B 215 14.52 -4.52 12.68
C VAL B 215 13.16 -4.10 12.15
N ALA B 216 12.28 -5.06 11.91
CA ALA B 216 10.97 -4.70 11.35
C ALA B 216 9.92 -5.66 11.86
N VAL B 217 8.71 -5.12 12.10
CA VAL B 217 7.55 -5.94 12.38
C VAL B 217 6.79 -5.96 11.10
N CYS B 218 6.38 -7.14 10.62
CA CYS B 218 5.73 -7.18 9.32
C CYS B 218 4.71 -8.31 9.25
N GLY B 219 3.74 -8.19 8.35
CA GLY B 219 2.76 -9.25 8.14
C GLY B 219 1.48 -8.63 7.60
N GLY B 220 0.35 -9.19 8.04
CA GLY B 220 -0.96 -8.84 7.47
C GLY B 220 -2.07 -9.01 8.49
N VAL B 221 -3.09 -8.18 8.38
CA VAL B 221 -4.32 -8.35 9.16
C VAL B 221 -5.48 -8.23 8.19
N GLU B 222 -6.68 -8.68 8.59
CA GLU B 222 -7.81 -8.70 7.67
C GLU B 222 -9.07 -8.73 8.54
N GLY B 223 -10.18 -8.29 7.98
CA GLY B 223 -11.40 -8.35 8.78
C GLY B 223 -12.03 -9.75 8.84
N PRO B 224 -13.14 -9.85 9.59
CA PRO B 224 -13.81 -11.14 9.86
C PRO B 224 -14.79 -11.45 8.74
N ILE B 225 -15.24 -12.70 8.69
CA ILE B 225 -16.26 -13.10 7.76
C ILE B 225 -17.57 -12.37 8.08
N GLU B 226 -18.20 -11.76 7.07
CA GLU B 226 -19.44 -11.04 7.25
C GLU B 226 -20.26 -11.22 5.99
N ALA B 227 -21.52 -10.79 6.02
CA ALA B 227 -22.45 -11.05 4.93
C ALA B 227 -22.00 -10.42 3.60
N LEU B 228 -21.62 -9.14 3.64
CA LEU B 228 -21.34 -8.41 2.41
C LEU B 228 -20.06 -8.88 1.70
N PRO B 229 -19.00 -9.21 2.46
CA PRO B 229 -17.86 -9.88 1.83
C PRO B 229 -18.21 -11.22 1.21
N ILE B 230 -19.00 -12.05 1.90
CA ILE B 230 -19.42 -13.28 1.27
C ILE B 230 -20.21 -13.04 -0.03
N ALA B 231 -21.16 -12.11 0.00
CA ALA B 231 -21.96 -11.82 -1.19
C ALA B 231 -21.06 -11.41 -2.37
N ALA B 232 -20.09 -10.54 -2.12
CA ALA B 232 -19.24 -9.99 -3.19
C ALA B 232 -18.33 -11.06 -3.81
N PHE B 233 -17.67 -11.85 -2.98
CA PHE B 233 -16.86 -12.95 -3.51
C PHE B 233 -17.73 -14.09 -4.12
N SER B 234 -18.87 -14.42 -3.48
CA SER B 234 -19.79 -15.40 -4.08
C SER B 234 -20.21 -15.03 -5.48
N MET B 235 -20.48 -13.73 -5.67
CA MET B 235 -21.00 -13.25 -6.95
C MET B 235 -19.92 -13.35 -8.03
N MET B 236 -18.67 -13.59 -7.63
CA MET B 236 -17.59 -13.85 -8.58
C MET B 236 -17.51 -15.33 -8.94
N ARG B 237 -18.33 -16.15 -8.28
CA ARG B 237 -18.32 -17.60 -8.49
C ARG B 237 -16.98 -18.24 -8.15
N ALA B 238 -16.38 -17.74 -7.07
CA ALA B 238 -15.04 -18.18 -6.64
C ALA B 238 -15.09 -19.10 -5.42
N MET B 239 -16.24 -19.19 -4.77
CA MET B 239 -16.31 -19.81 -3.46
C MET B 239 -16.91 -21.22 -3.52
N SER B 240 -16.31 -22.14 -2.75
CA SER B 240 -16.96 -23.42 -2.50
C SER B 240 -18.35 -23.27 -1.86
N THR B 241 -19.29 -24.12 -2.26
CA THR B 241 -20.58 -24.20 -1.61
C THR B 241 -20.87 -25.62 -1.12
N ARG B 242 -19.80 -26.35 -0.84
CA ARG B 242 -19.94 -27.67 -0.21
C ARG B 242 -20.40 -27.57 1.25
N ASN B 243 -21.61 -27.07 1.47
CA ASN B 243 -22.05 -26.73 2.83
C ASN B 243 -22.32 -27.91 3.76
N ASP B 244 -22.65 -29.07 3.18
CA ASP B 244 -22.96 -30.25 4.01
CA ASP B 244 -22.91 -30.36 3.83
C ASP B 244 -21.70 -30.87 4.62
N GLU B 245 -20.52 -30.51 4.14
CA GLU B 245 -19.29 -31.11 4.66
C GLU B 245 -18.20 -30.05 4.77
N PRO B 246 -18.33 -29.14 5.76
CA PRO B 246 -17.54 -27.91 5.76
C PRO B 246 -16.03 -28.18 5.74
N GLU B 247 -15.60 -29.16 6.53
CA GLU B 247 -14.18 -29.47 6.67
CA GLU B 247 -14.18 -29.48 6.66
C GLU B 247 -13.60 -30.10 5.39
N ARG B 248 -14.47 -30.62 4.52
CA ARG B 248 -14.05 -31.23 3.24
C ARG B 248 -14.09 -30.24 2.07
N ALA B 249 -14.53 -29.01 2.33
CA ALA B 249 -14.85 -28.07 1.24
C ALA B 249 -13.61 -27.48 0.54
N SER B 250 -12.56 -27.20 1.32
CA SER B 250 -11.39 -26.53 0.78
C SER B 250 -10.40 -27.60 0.27
N ARG B 251 -10.24 -27.73 -1.05
CA ARG B 251 -9.51 -28.87 -1.64
C ARG B 251 -8.42 -28.44 -2.64
N PRO B 252 -7.45 -27.60 -2.22
CA PRO B 252 -6.45 -27.14 -3.19
C PRO B 252 -5.72 -28.33 -3.85
N PHE B 253 -5.55 -28.20 -5.16
CA PHE B 253 -4.94 -29.18 -6.05
C PHE B 253 -5.69 -30.50 -6.22
N ASP B 254 -6.80 -30.68 -5.50
CA ASP B 254 -7.62 -31.88 -5.66
C ASP B 254 -8.45 -31.77 -6.93
N LYS B 255 -8.66 -32.89 -7.61
CA LYS B 255 -9.45 -32.92 -8.83
C LYS B 255 -10.88 -32.41 -8.64
N ASP B 256 -11.44 -32.61 -7.44
CA ASP B 256 -12.81 -32.18 -7.21
C ASP B 256 -12.91 -30.83 -6.51
N ARG B 257 -11.84 -30.03 -6.50
CA ARG B 257 -11.94 -28.70 -5.87
C ARG B 257 -13.03 -27.85 -6.55
N ASP B 258 -13.67 -26.98 -5.78
CA ASP B 258 -14.74 -26.14 -6.35
C ASP B 258 -14.75 -24.74 -5.76
N GLY B 259 -13.57 -24.21 -5.42
CA GLY B 259 -13.47 -22.79 -5.01
C GLY B 259 -12.91 -22.63 -3.60
N PHE B 260 -12.81 -21.40 -3.12
CA PHE B 260 -12.09 -21.18 -1.86
C PHE B 260 -13.09 -21.13 -0.69
N VAL B 261 -12.56 -21.20 0.52
CA VAL B 261 -13.32 -21.05 1.75
C VAL B 261 -12.66 -19.96 2.60
N PHE B 262 -13.47 -19.08 3.19
CA PHE B 262 -12.93 -18.05 4.06
C PHE B 262 -12.45 -18.71 5.34
N GLY B 263 -11.28 -18.28 5.83
CA GLY B 263 -10.86 -18.67 7.17
C GLY B 263 -10.11 -17.49 7.75
N GLU B 264 -10.61 -16.97 8.85
CA GLU B 264 -10.02 -15.73 9.44
C GLU B 264 -8.62 -15.94 9.95
N ALA B 265 -7.82 -14.86 9.89
CA ALA B 265 -6.50 -14.89 10.44
C ALA B 265 -5.92 -13.49 10.56
N GLY B 266 -4.85 -13.39 11.33
CA GLY B 266 -3.94 -12.26 11.16
C GLY B 266 -2.61 -12.80 11.63
N ALA B 267 -1.51 -12.25 11.13
CA ALA B 267 -0.19 -12.75 11.50
C ALA B 267 0.88 -11.71 11.34
N LEU B 268 1.85 -11.70 12.26
CA LEU B 268 2.99 -10.78 12.21
C LEU B 268 4.26 -11.61 12.54
N MET B 269 5.38 -11.19 11.98
CA MET B 269 6.66 -11.74 12.42
C MET B 269 7.60 -10.58 12.70
N LEU B 270 8.61 -10.87 13.50
CA LEU B 270 9.69 -9.91 13.75
C LEU B 270 10.90 -10.39 12.96
N ILE B 271 11.47 -9.49 12.13
CA ILE B 271 12.66 -9.83 11.37
C ILE B 271 13.75 -8.81 11.73
N GLU B 272 15.02 -9.20 11.67
CA GLU B 272 16.06 -8.24 12.04
C GLU B 272 17.38 -8.74 11.45
N THR B 273 18.39 -7.88 11.29
CA THR B 273 19.67 -8.42 10.85
C THR B 273 20.22 -9.45 11.85
N GLU B 274 20.97 -10.42 11.32
CA GLU B 274 21.48 -11.48 12.17
C GLU B 274 22.37 -10.88 13.27
N GLU B 275 23.09 -9.83 12.92
CA GLU B 275 23.95 -9.09 13.86
CA GLU B 275 23.95 -9.24 13.94
C GLU B 275 23.12 -8.49 15.00
N HIS B 276 21.98 -7.89 14.62
CA HIS B 276 21.10 -7.28 15.61
C HIS B 276 20.52 -8.32 16.59
N ALA B 277 20.11 -9.45 16.03
CA ALA B 277 19.65 -10.60 16.82
C ALA B 277 20.69 -11.13 17.77
N LYS B 278 21.90 -11.40 17.27
CA LYS B 278 22.97 -11.92 18.12
C LYS B 278 23.25 -10.94 19.25
N ALA B 279 23.26 -9.64 18.95
CA ALA B 279 23.59 -8.64 19.95
C ALA B 279 22.58 -8.64 21.11
N ARG B 280 21.32 -9.00 20.88
CA ARG B 280 20.37 -9.01 22.01
C ARG B 280 20.06 -10.44 22.44
N GLY B 281 20.74 -11.42 21.89
CA GLY B 281 20.60 -12.79 22.39
C GLY B 281 19.29 -13.43 21.94
N ALA B 282 18.70 -12.93 20.85
CA ALA B 282 17.53 -13.57 20.21
C ALA B 282 17.86 -14.83 19.37
N LYS B 283 17.20 -15.94 19.63
CA LYS B 283 17.43 -17.16 18.85
C LYS B 283 16.59 -17.11 17.56
N PRO B 284 17.23 -17.13 16.37
CA PRO B 284 16.39 -17.15 15.18
C PRO B 284 15.53 -18.40 14.97
N LEU B 285 14.37 -18.21 14.33
CA LEU B 285 13.46 -19.29 13.93
CA LEU B 285 13.50 -19.33 13.95
C LEU B 285 13.78 -19.76 12.51
N ALA B 286 14.39 -18.86 11.73
CA ALA B 286 14.64 -19.11 10.32
C ALA B 286 15.28 -17.87 9.74
N ARG B 287 15.73 -17.98 8.49
CA ARG B 287 16.34 -16.86 7.76
C ARG B 287 15.41 -16.41 6.67
N LEU B 288 15.30 -15.10 6.48
CA LEU B 288 14.52 -14.61 5.37
C LEU B 288 15.54 -14.15 4.29
N LEU B 289 15.61 -14.88 3.18
CA LEU B 289 16.74 -14.80 2.25
C LEU B 289 16.56 -13.89 1.05
N GLY B 290 15.32 -13.80 0.54
CA GLY B 290 15.05 -12.90 -0.58
C GLY B 290 13.57 -12.90 -0.94
N ALA B 291 13.16 -11.99 -1.82
CA ALA B 291 11.73 -11.74 -2.10
C ALA B 291 11.66 -11.42 -3.56
N GLY B 292 10.61 -11.85 -4.24
CA GLY B 292 10.48 -11.44 -5.64
C GLY B 292 9.04 -10.98 -5.87
N ILE B 293 8.90 -9.87 -6.57
CA ILE B 293 7.57 -9.32 -6.85
C ILE B 293 7.41 -9.07 -8.37
N THR B 294 6.38 -9.60 -9.00
CA THR B 294 6.17 -9.34 -10.41
C THR B 294 4.68 -9.12 -10.59
N SER B 295 4.25 -8.92 -11.83
CA SER B 295 2.82 -8.77 -12.11
C SER B 295 2.48 -9.43 -13.44
N ASP B 296 1.22 -9.83 -13.66
CA ASP B 296 0.88 -10.64 -14.85
C ASP B 296 0.58 -9.79 -16.11
N ALA B 297 0.05 -8.58 -15.91
CA ALA B 297 -0.63 -7.82 -16.99
C ALA B 297 -1.42 -8.80 -17.87
N PHE B 298 -2.33 -9.51 -17.23
CA PHE B 298 -3.15 -10.47 -17.96
C PHE B 298 -4.64 -10.14 -17.73
N HIS B 299 -5.12 -10.34 -16.51
CA HIS B 299 -6.53 -10.11 -16.20
C HIS B 299 -6.65 -9.61 -14.77
N MET B 300 -7.67 -8.81 -14.47
CA MET B 300 -7.86 -8.28 -13.12
CA MET B 300 -7.89 -8.29 -13.12
C MET B 300 -8.12 -9.36 -12.06
N VAL B 301 -8.91 -10.39 -12.40
CA VAL B 301 -9.29 -11.40 -11.40
C VAL B 301 -9.05 -12.84 -11.83
N ALA B 302 -8.29 -13.05 -12.90
CA ALA B 302 -7.89 -14.44 -13.24
C ALA B 302 -6.37 -14.40 -13.36
N PRO B 303 -5.69 -15.39 -12.78
CA PRO B 303 -4.24 -15.45 -13.00
C PRO B 303 -3.91 -15.86 -14.44
N ALA B 304 -2.73 -15.45 -14.92
CA ALA B 304 -2.25 -15.93 -16.21
C ALA B 304 -2.11 -17.45 -16.19
N ALA B 305 -2.70 -18.12 -17.17
CA ALA B 305 -2.70 -19.59 -17.15
C ALA B 305 -1.29 -20.15 -17.28
N ASP B 306 -0.40 -19.45 -17.98
CA ASP B 306 0.92 -19.99 -18.24
C ASP B 306 1.85 -19.95 -16.99
N GLY B 307 1.47 -19.22 -15.93
CA GLY B 307 2.28 -19.16 -14.71
C GLY B 307 3.64 -18.46 -14.84
N VAL B 308 3.91 -17.85 -16.00
CA VAL B 308 5.24 -17.33 -16.32
C VAL B 308 5.68 -16.17 -15.41
N ARG B 309 4.87 -15.10 -15.33
CA ARG B 309 5.27 -14.01 -14.40
C ARG B 309 5.25 -14.47 -12.93
N ALA B 310 4.28 -15.32 -12.57
CA ALA B 310 4.23 -15.83 -11.20
C ALA B 310 5.50 -16.64 -10.91
N GLY B 311 5.90 -17.51 -11.84
CA GLY B 311 7.18 -18.24 -11.72
C GLY B 311 8.42 -17.35 -11.64
N ARG B 312 8.41 -16.25 -12.40
CA ARG B 312 9.52 -15.28 -12.32
C ARG B 312 9.58 -14.57 -10.96
N ALA B 313 8.44 -14.40 -10.29
CA ALA B 313 8.52 -13.93 -8.90
C ALA B 313 9.32 -14.93 -8.05
N MET B 314 8.99 -16.22 -8.17
CA MET B 314 9.79 -17.23 -7.47
C MET B 314 11.27 -17.16 -7.85
N THR B 315 11.57 -17.11 -9.15
CA THR B 315 12.96 -17.06 -9.60
C THR B 315 13.68 -15.83 -9.04
N ARG B 316 13.03 -14.68 -9.04
CA ARG B 316 13.66 -13.46 -8.52
C ARG B 316 14.00 -13.65 -7.03
N SER B 317 13.10 -14.27 -6.26
CA SER B 317 13.43 -14.51 -4.83
C SER B 317 14.67 -15.39 -4.68
N LEU B 318 14.83 -16.36 -5.59
CA LEU B 318 16.04 -17.21 -5.58
C LEU B 318 17.31 -16.43 -5.99
N GLU B 319 17.17 -15.58 -7.00
CA GLU B 319 18.31 -14.78 -7.43
C GLU B 319 18.83 -13.94 -6.27
N LEU B 320 17.92 -13.30 -5.57
CA LEU B 320 18.30 -12.40 -4.44
C LEU B 320 18.84 -13.19 -3.24
N ALA B 321 18.28 -14.39 -3.03
CA ALA B 321 18.79 -15.30 -2.00
C ALA B 321 20.19 -15.82 -2.32
N GLY B 322 20.49 -15.95 -3.62
CA GLY B 322 21.67 -16.64 -4.09
C GLY B 322 21.44 -18.14 -4.19
N LEU B 323 20.21 -18.56 -4.49
CA LEU B 323 19.88 -19.98 -4.55
C LEU B 323 19.59 -20.40 -5.98
N SER B 324 19.65 -21.70 -6.24
CA SER B 324 19.08 -22.20 -7.48
C SER B 324 17.81 -23.03 -7.22
N PRO B 325 16.93 -23.11 -8.24
CA PRO B 325 15.74 -23.95 -8.06
C PRO B 325 16.09 -25.36 -7.52
N ALA B 326 17.22 -25.94 -7.92
CA ALA B 326 17.58 -27.29 -7.46
C ALA B 326 17.78 -27.35 -5.93
N ASP B 327 18.00 -26.18 -5.30
CA ASP B 327 18.14 -26.09 -3.84
C ASP B 327 16.83 -26.19 -3.07
N ILE B 328 15.69 -25.94 -3.73
CA ILE B 328 14.44 -25.71 -3.01
C ILE B 328 13.84 -27.06 -2.58
N ASP B 329 13.55 -27.20 -1.27
CA ASP B 329 12.98 -28.42 -0.70
C ASP B 329 11.47 -28.41 -0.63
N HIS B 330 10.91 -27.19 -0.55
CA HIS B 330 9.53 -27.03 -0.10
C HIS B 330 8.95 -25.75 -0.69
N VAL B 331 7.72 -25.87 -1.20
CA VAL B 331 6.91 -24.73 -1.62
C VAL B 331 5.64 -24.71 -0.78
N ASN B 332 5.38 -23.56 -0.16
CA ASN B 332 4.12 -23.37 0.52
C ASN B 332 3.24 -22.61 -0.47
N ALA B 333 2.32 -23.36 -1.05
CA ALA B 333 1.53 -22.84 -2.16
C ALA B 333 0.44 -21.85 -1.74
N HIS B 334 0.17 -20.90 -2.63
CA HIS B 334 -0.99 -20.04 -2.39
C HIS B 334 -2.28 -20.86 -2.47
N GLY B 335 -2.39 -21.78 -3.44
CA GLY B 335 -3.37 -22.86 -3.36
C GLY B 335 -4.76 -22.50 -2.82
N THR B 336 -5.50 -21.70 -3.59
CA THR B 336 -6.84 -21.26 -3.18
C THR B 336 -7.96 -22.29 -3.31
N ALA B 337 -7.72 -23.33 -4.12
CA ALA B 337 -8.67 -24.39 -4.44
C ALA B 337 -9.72 -23.97 -5.50
N THR B 338 -9.47 -22.90 -6.27
CA THR B 338 -10.26 -22.71 -7.51
C THR B 338 -9.67 -23.63 -8.58
N PRO B 339 -10.50 -24.06 -9.55
CA PRO B 339 -9.89 -24.77 -10.68
C PRO B 339 -8.78 -23.99 -11.42
N ILE B 340 -9.05 -22.75 -11.85
CA ILE B 340 -8.02 -22.07 -12.63
C ILE B 340 -6.83 -21.61 -11.79
N GLY B 341 -7.05 -21.21 -10.54
CA GLY B 341 -5.98 -20.71 -9.65
C GLY B 341 -4.91 -21.77 -9.44
N ASP B 342 -5.31 -22.97 -9.02
CA ASP B 342 -4.32 -24.01 -8.69
C ASP B 342 -3.56 -24.49 -9.95
N ALA B 343 -4.26 -24.56 -11.08
CA ALA B 343 -3.61 -24.96 -12.34
C ALA B 343 -2.52 -23.94 -12.73
N ALA B 344 -2.85 -22.64 -12.63
CA ALA B 344 -1.88 -21.58 -12.99
C ALA B 344 -0.69 -21.67 -12.05
N GLU B 345 -0.95 -21.87 -10.75
CA GLU B 345 0.18 -21.99 -9.80
C GLU B 345 1.08 -23.21 -10.06
N ALA B 346 0.48 -24.35 -10.37
CA ALA B 346 1.26 -25.51 -10.78
C ALA B 346 2.15 -25.14 -11.98
N ASN B 347 1.59 -24.47 -12.98
CA ASN B 347 2.46 -24.02 -14.09
C ASN B 347 3.59 -23.09 -13.59
N ALA B 348 3.27 -22.18 -12.67
CA ALA B 348 4.27 -21.26 -12.13
C ALA B 348 5.43 -21.99 -11.46
N ILE B 349 5.09 -22.98 -10.65
CA ILE B 349 6.14 -23.72 -9.96
C ILE B 349 7.05 -24.47 -10.96
N ARG B 350 6.44 -25.04 -11.99
CA ARG B 350 7.24 -25.60 -13.11
C ARG B 350 8.11 -24.54 -13.81
N VAL B 351 7.57 -23.36 -14.14
CA VAL B 351 8.37 -22.32 -14.78
C VAL B 351 9.60 -22.00 -13.95
N ALA B 352 9.41 -21.88 -12.62
CA ALA B 352 10.53 -21.65 -11.72
C ALA B 352 11.45 -22.82 -11.45
N GLY B 353 11.15 -24.00 -11.99
CA GLY B 353 12.03 -25.14 -11.73
C GLY B 353 11.88 -25.73 -10.34
N CYS B 354 10.75 -25.42 -9.65
CA CYS B 354 10.55 -25.79 -8.25
C CYS B 354 9.61 -26.97 -8.07
N ASP B 355 9.28 -27.63 -9.17
CA ASP B 355 8.23 -28.66 -9.15
C ASP B 355 8.71 -30.02 -8.68
N GLN B 356 9.96 -30.11 -8.26
CA GLN B 356 10.38 -31.31 -7.55
C GLN B 356 10.23 -31.18 -6.05
N ALA B 357 9.93 -29.95 -5.59
CA ALA B 357 9.79 -29.67 -4.15
C ALA B 357 8.51 -30.26 -3.52
N ALA B 358 8.53 -30.52 -2.20
CA ALA B 358 7.32 -30.91 -1.48
C ALA B 358 6.35 -29.72 -1.29
N VAL B 359 5.11 -29.89 -1.70
CA VAL B 359 4.13 -28.78 -1.74
C VAL B 359 3.08 -28.92 -0.62
N TYR B 360 2.84 -27.84 0.09
CA TYR B 360 1.75 -27.82 1.08
C TYR B 360 0.79 -26.69 0.71
N ALA B 361 -0.51 -26.90 0.87
CA ALA B 361 -1.51 -25.81 0.61
C ALA B 361 -2.37 -25.61 1.87
N PRO B 362 -1.93 -24.70 2.77
CA PRO B 362 -2.52 -24.59 4.10
C PRO B 362 -3.96 -24.06 4.07
N LYS B 363 -4.41 -23.46 2.96
CA LYS B 363 -5.82 -23.05 2.86
C LYS B 363 -6.77 -24.24 2.93
N SER B 364 -6.21 -25.45 2.70
CA SER B 364 -6.95 -26.69 2.87
C SER B 364 -7.53 -26.82 4.31
N ALA B 365 -6.76 -26.36 5.31
CA ALA B 365 -7.12 -26.45 6.71
C ALA B 365 -7.55 -25.10 7.32
N LEU B 366 -6.89 -24.01 6.91
CA LEU B 366 -7.10 -22.68 7.53
C LEU B 366 -8.00 -21.74 6.74
N GLY B 367 -8.29 -22.10 5.49
CA GLY B 367 -9.09 -21.22 4.60
C GLY B 367 -8.30 -19.99 4.17
N HIS B 368 -9.01 -19.03 3.58
CA HIS B 368 -8.38 -17.90 2.90
C HIS B 368 -8.63 -16.68 3.76
N SER B 369 -7.58 -15.99 4.23
CA SER B 369 -7.81 -14.73 4.96
C SER B 369 -7.30 -13.50 4.21
N ILE B 370 -7.34 -13.56 2.89
CA ILE B 370 -7.24 -12.40 1.98
C ILE B 370 -5.98 -11.61 2.33
N GLY B 371 -6.08 -10.36 2.82
CA GLY B 371 -4.88 -9.55 3.00
C GLY B 371 -3.95 -10.12 4.09
N ALA B 372 -4.44 -10.94 5.01
CA ALA B 372 -3.55 -11.54 6.03
C ALA B 372 -2.84 -12.83 5.55
N VAL B 373 -3.38 -13.48 4.53
CA VAL B 373 -3.04 -14.90 4.34
C VAL B 373 -1.59 -15.15 3.96
N GLY B 374 -0.96 -14.26 3.18
CA GLY B 374 0.43 -14.55 2.83
C GLY B 374 1.33 -14.43 4.06
N ALA B 375 0.98 -13.55 5.02
CA ALA B 375 1.73 -13.42 6.26
C ALA B 375 1.56 -14.70 7.10
N LEU B 376 0.32 -15.18 7.21
CA LEU B 376 0.03 -16.42 7.95
C LEU B 376 0.85 -17.56 7.32
N GLU B 377 0.81 -17.67 5.99
CA GLU B 377 1.50 -18.81 5.37
C GLU B 377 3.03 -18.65 5.39
N SER B 378 3.50 -17.40 5.46
CA SER B 378 4.91 -17.18 5.73
C SER B 378 5.33 -17.65 7.10
N VAL B 379 4.54 -17.33 8.10
CA VAL B 379 4.81 -17.90 9.44
C VAL B 379 4.80 -19.45 9.40
N LEU B 380 3.86 -20.08 8.69
CA LEU B 380 3.89 -21.54 8.58
C LEU B 380 5.16 -22.10 7.90
N THR B 381 5.60 -21.39 6.86
CA THR B 381 6.83 -21.78 6.16
C THR B 381 7.97 -21.76 7.16
N VAL B 382 8.04 -20.68 7.95
CA VAL B 382 9.10 -20.58 8.96
C VAL B 382 9.02 -21.76 9.93
N LEU B 383 7.82 -22.12 10.38
CA LEU B 383 7.71 -23.26 11.31
C LEU B 383 8.07 -24.60 10.66
N THR B 384 7.76 -24.77 9.37
CA THR B 384 8.22 -25.98 8.67
C THR B 384 9.74 -26.12 8.72
N LEU B 385 10.41 -24.99 8.53
CA LEU B 385 11.88 -25.02 8.49
C LEU B 385 12.47 -25.21 9.88
N ARG B 386 11.88 -24.53 10.86
CA ARG B 386 12.33 -24.72 12.25
C ARG B 386 12.21 -26.17 12.74
N ASP B 387 11.07 -26.78 12.40
CA ASP B 387 10.71 -28.07 13.00
C ASP B 387 10.99 -29.25 12.08
N GLY B 388 11.28 -29.00 10.79
CA GLY B 388 11.59 -30.12 9.89
C GLY B 388 10.35 -30.97 9.58
N VAL B 389 9.22 -30.34 9.32
CA VAL B 389 8.00 -31.09 9.08
C VAL B 389 7.01 -30.22 8.32
N ILE B 390 6.32 -30.86 7.39
CA ILE B 390 5.25 -30.20 6.64
C ILE B 390 3.93 -30.87 7.01
N PRO B 391 2.87 -30.08 7.33
CA PRO B 391 1.58 -30.68 7.63
C PRO B 391 0.94 -31.26 6.36
N PRO B 392 -0.02 -32.17 6.53
CA PRO B 392 -0.69 -32.71 5.38
C PRO B 392 -1.65 -31.67 4.79
N THR B 393 -1.68 -31.63 3.46
CA THR B 393 -2.73 -30.87 2.76
C THR B 393 -4.05 -31.63 2.94
N LEU B 394 -5.06 -31.00 3.55
CA LEU B 394 -6.30 -31.70 3.81
C LEU B 394 -7.04 -31.85 2.48
N ASN B 395 -7.81 -32.94 2.43
CA ASN B 395 -8.81 -33.15 1.39
C ASN B 395 -8.19 -33.51 0.03
N TYR B 396 -6.90 -33.82 0.04
CA TYR B 396 -6.22 -34.09 -1.22
C TYR B 396 -6.40 -35.59 -1.50
N GLU B 397 -7.40 -35.93 -2.32
CA GLU B 397 -7.85 -37.32 -2.45
C GLU B 397 -7.70 -37.88 -3.85
N THR B 398 -7.94 -37.02 -4.84
CA THR B 398 -7.82 -37.42 -6.24
C THR B 398 -6.86 -36.48 -6.97
N PRO B 399 -5.65 -36.97 -7.30
CA PRO B 399 -4.68 -36.17 -8.04
C PRO B 399 -5.24 -35.69 -9.38
N ASP B 400 -4.90 -34.46 -9.75
CA ASP B 400 -5.35 -33.85 -10.98
C ASP B 400 -4.20 -33.86 -11.97
N PRO B 401 -4.37 -34.46 -13.15
CA PRO B 401 -3.22 -34.62 -14.06
C PRO B 401 -2.56 -33.30 -14.47
N GLU B 402 -3.29 -32.20 -14.44
CA GLU B 402 -2.71 -30.94 -14.89
CA GLU B 402 -2.79 -30.89 -14.85
C GLU B 402 -1.80 -30.35 -13.81
N ILE B 403 -1.83 -30.90 -12.60
N ILE B 403 -1.82 -30.98 -12.65
CA ILE B 403 -1.12 -30.30 -11.44
CA ILE B 403 -1.14 -30.52 -11.44
C ILE B 403 0.29 -30.94 -11.36
C ILE B 403 -0.22 -31.63 -10.97
N ASP B 404 0.33 -32.27 -11.30
N ASP B 404 0.86 -31.89 -11.70
CA ASP B 404 1.59 -33.02 -11.28
CA ASP B 404 1.74 -32.98 -11.34
C ASP B 404 2.62 -32.42 -10.32
C ASP B 404 2.73 -32.54 -10.25
N LEU B 405 2.22 -32.26 -9.06
CA LEU B 405 3.08 -31.77 -7.97
C LEU B 405 3.17 -32.82 -6.89
N ASP B 406 4.25 -32.78 -6.11
CA ASP B 406 4.38 -33.63 -4.91
C ASP B 406 3.62 -32.90 -3.79
N VAL B 407 2.30 -33.08 -3.71
CA VAL B 407 1.46 -32.51 -2.66
C VAL B 407 1.52 -33.38 -1.40
N VAL B 408 2.04 -32.80 -0.32
CA VAL B 408 2.09 -33.53 0.96
C VAL B 408 0.69 -33.77 1.47
N ALA B 409 0.36 -35.00 1.81
CA ALA B 409 -1.02 -35.33 2.14
C ALA B 409 -1.04 -36.58 3.01
N GLY B 410 -2.14 -36.72 3.76
CA GLY B 410 -2.42 -37.92 4.55
C GLY B 410 -1.82 -37.85 5.95
N GLU B 411 -0.53 -37.61 6.05
CA GLU B 411 0.14 -37.52 7.35
CA GLU B 411 0.15 -37.50 7.34
C GLU B 411 1.20 -36.40 7.21
N PRO B 412 1.59 -35.76 8.32
CA PRO B 412 2.70 -34.82 8.19
C PRO B 412 3.94 -35.49 7.57
N ARG B 413 4.73 -34.74 6.80
CA ARG B 413 5.99 -35.28 6.31
C ARG B 413 7.22 -34.67 6.98
N TYR B 414 8.04 -35.51 7.60
CA TYR B 414 9.27 -35.08 8.27
C TYR B 414 10.38 -35.06 7.25
N GLY B 415 11.25 -34.07 7.36
CA GLY B 415 12.45 -34.08 6.52
C GLY B 415 13.41 -32.99 6.93
N ASP B 416 14.58 -33.01 6.31
CA ASP B 416 15.61 -32.06 6.64
C ASP B 416 15.50 -30.83 5.74
N TYR B 417 14.40 -30.08 5.87
CA TYR B 417 14.15 -28.96 4.97
C TYR B 417 15.12 -27.81 5.24
N ARG B 418 15.77 -27.31 4.19
CA ARG B 418 16.73 -26.24 4.34
C ARG B 418 16.24 -24.96 3.68
N TYR B 419 15.56 -25.08 2.53
CA TYR B 419 15.16 -23.92 1.75
C TYR B 419 13.73 -24.12 1.28
N ALA B 420 12.96 -23.05 1.43
CA ALA B 420 11.56 -23.09 1.06
C ALA B 420 11.14 -21.79 0.42
N VAL B 421 10.16 -21.87 -0.47
CA VAL B 421 9.53 -20.67 -1.05
C VAL B 421 8.09 -20.60 -0.65
N ASN B 422 7.68 -19.43 -0.15
CA ASN B 422 6.27 -19.18 0.08
C ASN B 422 5.70 -18.31 -1.05
N ASN B 423 4.60 -18.74 -1.69
CA ASN B 423 3.93 -18.07 -2.81
C ASN B 423 2.66 -17.40 -2.33
N SER B 424 2.40 -16.18 -2.81
CA SER B 424 1.09 -15.53 -2.67
CA SER B 424 1.10 -15.55 -2.65
C SER B 424 0.78 -14.74 -3.91
N PHE B 425 -0.50 -14.73 -4.30
CA PHE B 425 -0.91 -14.00 -5.50
C PHE B 425 -2.16 -13.17 -5.15
N GLY B 426 -2.44 -12.13 -5.92
CA GLY B 426 -3.60 -11.28 -5.60
C GLY B 426 -4.29 -10.80 -6.86
N PHE B 427 -5.59 -10.60 -6.73
CA PHE B 427 -6.34 -9.85 -7.74
C PHE B 427 -5.63 -8.55 -8.11
N GLY B 428 -5.68 -8.21 -9.41
CA GLY B 428 -4.89 -7.14 -10.02
C GLY B 428 -3.65 -7.74 -10.71
N GLY B 429 -3.34 -9.01 -10.45
CA GLY B 429 -2.28 -9.72 -11.17
C GLY B 429 -0.96 -9.73 -10.38
N HIS B 430 -1.05 -9.59 -9.07
CA HIS B 430 0.18 -9.44 -8.25
C HIS B 430 0.77 -10.81 -7.91
N ASN B 431 2.09 -10.94 -8.10
CA ASN B 431 2.81 -12.17 -7.69
C ASN B 431 3.90 -11.86 -6.67
N VAL B 432 3.92 -12.60 -5.56
CA VAL B 432 4.93 -12.35 -4.54
C VAL B 432 5.55 -13.70 -4.14
N ALA B 433 6.87 -13.81 -4.05
CA ALA B 433 7.43 -15.03 -3.55
C ALA B 433 8.45 -14.62 -2.49
N LEU B 434 8.53 -15.45 -1.45
CA LEU B 434 9.50 -15.22 -0.38
C LEU B 434 10.36 -16.48 -0.22
N ALA B 435 11.66 -16.29 -0.19
CA ALA B 435 12.56 -17.42 -0.04
C ALA B 435 13.07 -17.47 1.41
N PHE B 436 12.79 -18.56 2.13
CA PHE B 436 13.20 -18.71 3.54
C PHE B 436 14.20 -19.85 3.66
N GLY B 437 15.06 -19.76 4.68
CA GLY B 437 16.02 -20.81 4.97
C GLY B 437 16.04 -21.26 6.43
N ARG B 438 16.33 -22.53 6.65
CA ARG B 438 16.53 -23.02 8.01
CA ARG B 438 16.55 -23.05 7.99
C ARG B 438 17.70 -22.29 8.65
N TYR B 439 17.57 -21.96 9.93
CA TYR B 439 18.66 -21.30 10.60
C TYR B 439 19.61 -22.36 11.16
#